data_7VFN
#
_entry.id   7VFN
#
_cell.length_a   43.150
_cell.length_b   206.172
_cell.length_c   66.400
_cell.angle_alpha   90.000
_cell.angle_beta   105.320
_cell.angle_gamma   90.000
#
_symmetry.space_group_name_H-M   'P 1 21 1'
#
loop_
_entity.id
_entity.type
_entity.pdbx_description
1 polymer 'Glycosyl transferase, group 1 family protein'
2 polymer ASP-SER-ASP
3 water water
#
loop_
_entity_poly.entity_id
_entity_poly.type
_entity_poly.pdbx_seq_one_letter_code
_entity_poly.pdbx_strand_id
1 'polypeptide(L)'
;SMNYFVGNSLGVNLTGIEKAIINRLNLFKEMGRPAQCVFLSWNRYLYRNAQNYITSSDYINMYDFFQEATYLERNEPFDW
LSYWTDECHYTLKHVENSHDFRIYDQERFLMYAHFQDPKYRILDYVNHFDSQRRKVKRDFYDVRGFLSCSRILVDKQQTL
CEFFYNPEGDTKLEKYFSYKDGKPEVQKIIVYYANKQYFFNNETELGAFFIKQLYQHGDLFFSDRNVYTAPIFNLTPESI
PVVAVLHSTHIKNIDALDSSPFKNVYKAMFENLSRYRAIIVSTEQQKLDVEKRINHTIPVVNIPVGYSETIDTPVQTLDQ
RSVKLISVARYSPEKQLHQQIELIKRLVSYVPKIELHMYGFGSESKKLNELIQKYGLENHVYLRGFLSNLDQEYSDAYLS
LITSNMEGFSLALLESLAHGVPVISYDIKYGPNELITSDFNGYLITKNDEDALFDKVKYVIDHPEVQQRLSKGSLAKAQQ
YSKASLIKQWDQFVRLILEHHHHHH
;
A,C
2 'polypeptide(L)' DSD B
#
# COMPACT_ATOMS: atom_id res chain seq x y z
N SER A 1 -20.18 -25.28 -22.19
CA SER A 1 -19.69 -26.04 -20.99
C SER A 1 -18.19 -26.28 -20.98
N MET A 2 -17.58 -26.14 -19.80
CA MET A 2 -16.14 -26.16 -19.66
C MET A 2 -15.77 -27.15 -18.57
N ASN A 3 -14.73 -27.93 -18.82
CA ASN A 3 -14.18 -28.87 -17.87
C ASN A 3 -12.91 -28.25 -17.31
N TYR A 4 -12.85 -28.16 -15.97
CA TYR A 4 -11.78 -27.47 -15.29
C TYR A 4 -11.02 -28.45 -14.41
N PHE A 5 -9.71 -28.53 -14.57
CA PHE A 5 -8.81 -29.47 -13.89
C PHE A 5 -8.00 -28.64 -12.91
N VAL A 6 -8.32 -28.75 -11.61
CA VAL A 6 -7.84 -27.77 -10.66
C VAL A 6 -6.66 -28.35 -9.87
N GLY A 7 -5.49 -27.75 -10.07
CA GLY A 7 -4.24 -28.15 -9.45
C GLY A 7 -3.72 -26.98 -8.64
N ASN A 8 -2.40 -26.85 -8.49
CA ASN A 8 -1.86 -25.75 -7.71
C ASN A 8 -1.04 -24.83 -8.59
N SER A 9 -0.03 -25.36 -9.28
CA SER A 9 0.82 -24.59 -10.17
C SER A 9 1.44 -25.53 -11.18
N LEU A 10 2.40 -25.01 -11.96
CA LEU A 10 3.31 -25.84 -12.75
C LEU A 10 4.71 -25.48 -12.28
N GLY A 11 5.57 -26.47 -12.05
CA GLY A 11 6.95 -26.17 -11.65
C GLY A 11 7.86 -26.15 -12.86
N VAL A 12 9.17 -25.92 -12.62
CA VAL A 12 10.11 -26.06 -13.74
C VAL A 12 10.28 -27.53 -14.11
N ASN A 13 10.33 -28.40 -13.12
CA ASN A 13 10.25 -29.84 -13.34
C ASN A 13 8.85 -30.31 -12.95
N LEU A 14 8.07 -30.80 -13.90
CA LEU A 14 6.66 -31.05 -13.66
C LEU A 14 6.49 -32.23 -12.73
N THR A 15 5.63 -32.08 -11.74
CA THR A 15 5.28 -33.22 -10.90
C THR A 15 4.35 -34.19 -11.66
N GLY A 16 4.12 -35.34 -10.98
CA GLY A 16 3.14 -36.32 -11.43
C GLY A 16 1.75 -35.76 -11.63
N ILE A 17 1.26 -34.96 -10.64
CA ILE A 17 -0.09 -34.38 -10.76
C ILE A 17 -0.14 -33.40 -11.93
N GLU A 18 0.85 -32.49 -12.01
CA GLU A 18 0.92 -31.52 -13.11
C GLU A 18 0.94 -32.22 -14.47
N LYS A 19 1.72 -33.29 -14.59
CA LYS A 19 1.70 -34.03 -15.86
C LYS A 19 0.34 -34.61 -16.16
N ALA A 20 -0.32 -35.16 -15.12
CA ALA A 20 -1.59 -35.82 -15.28
C ALA A 20 -2.62 -34.82 -15.77
N ILE A 21 -2.55 -33.58 -15.25
CA ILE A 21 -3.49 -32.49 -15.59
C ILE A 21 -3.30 -32.09 -17.03
N ILE A 22 -2.03 -31.97 -17.46
CA ILE A 22 -1.69 -31.58 -18.84
C ILE A 22 -2.04 -32.68 -19.81
N ASN A 23 -1.73 -33.94 -19.46
CA ASN A 23 -2.11 -35.07 -20.33
C ASN A 23 -3.64 -35.10 -20.46
N ARG A 24 -4.37 -34.89 -19.36
CA ARG A 24 -5.84 -34.87 -19.47
C ARG A 24 -6.32 -33.74 -20.37
N LEU A 25 -5.71 -32.54 -20.27
CA LEU A 25 -6.08 -31.42 -21.14
C LEU A 25 -5.92 -31.80 -22.62
N ASN A 26 -4.80 -32.40 -22.96
CA ASN A 26 -4.50 -32.82 -24.33
C ASN A 26 -5.51 -33.83 -24.86
N LEU A 27 -5.90 -34.82 -24.03
CA LEU A 27 -6.96 -35.74 -24.42
C LEU A 27 -8.28 -35.00 -24.66
N PHE A 28 -8.66 -34.07 -23.77
CA PHE A 28 -9.94 -33.39 -23.94
C PHE A 28 -9.93 -32.55 -25.21
N LYS A 29 -8.78 -31.94 -25.52
CA LYS A 29 -8.59 -31.17 -26.74
C LYS A 29 -8.79 -32.06 -27.97
N GLU A 30 -8.10 -33.23 -28.01
CA GLU A 30 -8.28 -34.14 -29.16
C GLU A 30 -9.73 -34.57 -29.28
N MET A 31 -10.33 -34.90 -28.14
CA MET A 31 -11.74 -35.28 -28.04
C MET A 31 -12.70 -34.23 -28.58
N GLY A 32 -12.42 -32.95 -28.32
CA GLY A 32 -13.34 -31.85 -28.62
C GLY A 32 -14.23 -31.47 -27.46
N ARG A 33 -13.88 -31.84 -26.26
CA ARG A 33 -14.52 -31.26 -25.08
C ARG A 33 -13.70 -30.06 -24.56
N PRO A 34 -14.29 -28.89 -24.36
CA PRO A 34 -13.50 -27.78 -23.81
C PRO A 34 -12.96 -28.17 -22.42
N ALA A 35 -11.66 -27.94 -22.23
CA ALA A 35 -11.03 -28.10 -20.92
C ALA A 35 -10.05 -26.97 -20.69
N GLN A 36 -9.81 -26.67 -19.42
CA GLN A 36 -8.76 -25.76 -19.05
C GLN A 36 -8.19 -26.26 -17.72
N CYS A 37 -6.88 -26.12 -17.55
CA CYS A 37 -6.24 -26.26 -16.25
C CYS A 37 -6.53 -25.02 -15.44
N VAL A 38 -6.69 -25.23 -14.14
CA VAL A 38 -6.92 -24.14 -13.23
C VAL A 38 -5.85 -24.24 -12.14
N PHE A 39 -5.11 -23.15 -11.94
CA PHE A 39 -4.02 -23.06 -10.96
C PHE A 39 -4.40 -22.05 -9.89
N LEU A 40 -3.94 -22.28 -8.65
CA LEU A 40 -4.40 -21.51 -7.50
C LEU A 40 -3.32 -20.58 -6.97
N SER A 41 -2.06 -21.01 -6.89
CA SER A 41 -1.06 -20.23 -6.17
C SER A 41 -0.49 -19.10 -7.01
N TRP A 42 -0.13 -18.01 -6.33
CA TRP A 42 0.58 -16.92 -6.97
C TRP A 42 1.97 -17.41 -7.39
N ASN A 43 2.23 -17.31 -8.69
CA ASN A 43 3.47 -17.85 -9.31
C ASN A 43 3.74 -16.98 -10.53
N ARG A 44 4.55 -15.94 -10.33
CA ARG A 44 4.93 -14.98 -11.35
C ARG A 44 5.83 -15.57 -12.45
N TYR A 45 6.20 -16.85 -12.37
CA TYR A 45 6.91 -17.57 -13.43
C TYR A 45 6.02 -18.54 -14.19
N LEU A 46 4.75 -18.67 -13.77
CA LEU A 46 3.86 -19.70 -14.30
C LEU A 46 3.85 -19.67 -15.81
N TYR A 47 3.88 -18.46 -16.37
CA TYR A 47 3.73 -18.34 -17.82
C TYR A 47 4.92 -18.99 -18.52
N ARG A 48 6.10 -18.92 -17.89
CA ARG A 48 7.30 -19.54 -18.47
C ARG A 48 7.28 -21.04 -18.24
N ASN A 49 6.89 -21.50 -17.04
CA ASN A 49 6.80 -22.94 -16.77
C ASN A 49 5.77 -23.60 -17.69
N ALA A 50 4.72 -22.88 -18.09
CA ALA A 50 3.63 -23.44 -18.87
C ALA A 50 3.93 -23.52 -20.36
N GLN A 51 4.85 -22.65 -20.84
CA GLN A 51 5.05 -22.40 -22.27
C GLN A 51 5.37 -23.66 -23.03
N ASN A 52 6.17 -24.56 -22.44
CA ASN A 52 6.50 -25.77 -23.17
C ASN A 52 5.31 -26.74 -23.33
N TYR A 53 4.12 -26.49 -22.66
CA TYR A 53 3.15 -27.57 -22.52
C TYR A 53 1.70 -27.17 -22.84
N ILE A 54 1.31 -25.91 -22.60
CA ILE A 54 -0.06 -25.45 -22.81
C ILE A 54 0.05 -24.01 -23.30
N THR A 55 -1.01 -23.60 -23.98
CA THR A 55 -1.04 -22.23 -24.38
C THR A 55 -1.74 -21.42 -23.34
N SER A 56 -1.72 -20.11 -23.54
CA SER A 56 -2.30 -19.24 -22.54
C SER A 56 -3.78 -19.39 -22.37
N SER A 57 -4.49 -19.74 -23.45
CA SER A 57 -5.97 -19.93 -23.42
C SER A 57 -6.30 -21.27 -22.76
N ASP A 58 -5.32 -22.12 -22.50
CA ASP A 58 -5.53 -23.49 -21.93
C ASP A 58 -5.53 -23.45 -20.40
N TYR A 59 -5.33 -22.28 -19.78
CA TYR A 59 -5.27 -22.23 -18.32
C TYR A 59 -5.74 -20.89 -17.74
N ILE A 60 -6.23 -20.97 -16.49
CA ILE A 60 -6.63 -19.81 -15.73
C ILE A 60 -6.01 -19.93 -14.34
N ASN A 61 -5.07 -19.05 -14.01
CA ASN A 61 -4.50 -18.99 -12.66
C ASN A 61 -5.32 -17.99 -11.88
N MET A 62 -5.56 -18.30 -10.60
CA MET A 62 -6.41 -17.52 -9.74
C MET A 62 -5.91 -16.12 -9.57
N TYR A 63 -4.63 -15.95 -9.25
CA TYR A 63 -4.04 -14.61 -9.07
C TYR A 63 -4.12 -13.87 -10.41
N ASP A 64 -3.75 -14.50 -11.52
CA ASP A 64 -3.90 -13.87 -12.86
C ASP A 64 -5.36 -13.39 -12.96
N PHE A 65 -6.32 -14.24 -12.69
CA PHE A 65 -7.76 -13.89 -12.85
C PHE A 65 -8.05 -12.55 -12.18
N PHE A 66 -7.67 -12.38 -10.91
CA PHE A 66 -8.06 -11.17 -10.18
C PHE A 66 -7.17 -9.99 -10.50
N GLN A 67 -5.95 -10.25 -10.96
CA GLN A 67 -5.00 -9.29 -11.45
C GLN A 67 -5.27 -8.97 -12.93
N GLU A 68 -6.37 -9.45 -13.49
CA GLU A 68 -6.72 -9.11 -14.88
C GLU A 68 -5.58 -9.40 -15.85
N ALA A 69 -4.93 -10.54 -15.64
CA ALA A 69 -3.78 -10.98 -16.43
C ALA A 69 -3.99 -12.38 -16.99
N THR A 70 -5.22 -12.91 -16.96
CA THR A 70 -5.54 -14.19 -17.60
C THR A 70 -5.45 -14.03 -19.10
N TYR A 71 -4.83 -15.02 -19.76
CA TYR A 71 -4.59 -15.10 -21.18
C TYR A 71 -3.48 -14.17 -21.67
N LEU A 72 -2.90 -13.35 -20.78
CA LEU A 72 -1.84 -12.43 -21.17
C LEU A 72 -0.58 -13.22 -21.45
N GLU A 73 0.14 -12.82 -22.50
CA GLU A 73 1.43 -13.34 -22.93
C GLU A 73 2.50 -12.28 -22.64
N ARG A 74 3.71 -12.53 -23.13
CA ARG A 74 4.91 -11.79 -22.75
C ARG A 74 4.89 -10.40 -23.36
N ASN A 75 5.37 -9.40 -22.61
CA ASN A 75 5.48 -8.00 -23.13
C ASN A 75 6.72 -7.98 -24.02
N GLU A 76 6.78 -7.09 -25.01
CA GLU A 76 8.02 -6.91 -25.80
C GLU A 76 9.12 -6.54 -24.79
N PRO A 77 10.42 -6.85 -25.04
CA PRO A 77 11.46 -6.57 -24.07
C PRO A 77 11.52 -5.07 -23.69
N PHE A 78 12.00 -4.74 -22.48
CA PHE A 78 12.14 -3.37 -21.96
C PHE A 78 13.49 -3.30 -21.27
N ASP A 79 14.28 -2.28 -21.62
CA ASP A 79 15.68 -2.15 -21.19
C ASP A 79 15.68 -1.29 -19.93
N TRP A 80 15.26 -1.90 -18.82
CA TRP A 80 15.23 -1.21 -17.53
C TRP A 80 16.50 -0.39 -17.35
N LEU A 81 17.65 -0.94 -17.78
CA LEU A 81 18.94 -0.26 -17.61
C LEU A 81 18.95 1.11 -18.25
N SER A 82 18.56 1.19 -19.54
CA SER A 82 18.58 2.47 -20.22
C SER A 82 17.60 3.45 -19.59
N TYR A 83 16.39 2.96 -19.25
CA TYR A 83 15.38 3.80 -18.62
C TYR A 83 15.87 4.40 -17.31
N TRP A 84 16.58 3.60 -16.50
CA TRP A 84 17.11 4.10 -15.24
C TRP A 84 18.26 5.08 -15.50
N THR A 85 19.10 4.78 -16.50
CA THR A 85 20.25 5.64 -16.81
C THR A 85 19.88 6.89 -17.59
N ASP A 86 19.12 6.72 -18.70
CA ASP A 86 18.88 7.82 -19.62
C ASP A 86 17.69 8.65 -19.20
N GLU A 87 16.60 8.03 -18.72
CA GLU A 87 15.38 8.78 -18.47
C GLU A 87 15.22 9.15 -17.00
N CYS A 88 15.75 8.36 -16.06
CA CYS A 88 15.65 8.69 -14.64
C CYS A 88 16.90 9.37 -14.12
N HIS A 89 18.04 9.26 -14.81
CA HIS A 89 19.31 9.88 -14.42
C HIS A 89 19.87 9.24 -13.16
N TYR A 90 19.59 7.96 -12.94
CA TYR A 90 20.13 7.20 -11.82
C TYR A 90 21.50 6.68 -12.16
N THR A 91 22.27 6.30 -11.12
CA THR A 91 23.59 5.70 -11.23
C THR A 91 23.53 4.20 -10.95
N LEU A 92 23.96 3.38 -11.93
CA LEU A 92 23.90 1.92 -11.80
C LEU A 92 25.28 1.39 -11.47
N LYS A 93 25.37 0.45 -10.52
CA LYS A 93 26.60 -0.27 -10.18
C LYS A 93 26.31 -1.76 -10.17
N HIS A 94 26.96 -2.50 -11.07
CA HIS A 94 26.88 -3.96 -11.12
C HIS A 94 27.50 -4.58 -9.88
N VAL A 95 26.84 -5.65 -9.37
CA VAL A 95 27.28 -6.45 -8.24
C VAL A 95 28.05 -7.64 -8.81
N GLU A 96 29.26 -7.85 -8.30
CA GLU A 96 30.16 -8.88 -8.85
C GLU A 96 29.54 -10.26 -8.77
N ASN A 97 29.76 -11.02 -9.84
CA ASN A 97 29.26 -12.38 -9.94
C ASN A 97 27.73 -12.42 -9.73
N SER A 98 27.02 -11.71 -10.63
CA SER A 98 25.56 -11.77 -10.59
C SER A 98 24.97 -11.01 -11.77
N HIS A 99 23.66 -10.93 -11.70
CA HIS A 99 22.83 -10.16 -12.58
C HIS A 99 22.18 -8.99 -11.99
N ASP A 100 22.78 -8.52 -10.94
CA ASP A 100 22.19 -7.52 -10.06
C ASP A 100 22.88 -6.19 -10.21
N PHE A 101 22.10 -5.13 -10.04
CA PHE A 101 22.61 -3.77 -10.06
C PHE A 101 22.13 -3.05 -8.81
N ARG A 102 23.02 -2.26 -8.21
CA ARG A 102 22.64 -1.30 -7.18
C ARG A 102 22.33 0.03 -7.87
N ILE A 103 21.25 0.68 -7.46
CA ILE A 103 20.74 1.88 -8.11
C ILE A 103 20.78 3.06 -7.16
N TYR A 104 21.28 4.19 -7.65
CA TYR A 104 21.59 5.37 -6.84
C TYR A 104 21.06 6.62 -7.52
N ASP A 105 20.57 7.56 -6.72
CA ASP A 105 20.41 8.94 -7.17
C ASP A 105 21.59 9.68 -6.57
N GLN A 106 22.66 9.83 -7.36
CA GLN A 106 23.95 10.36 -6.88
C GLN A 106 24.41 9.50 -5.71
N GLU A 107 24.72 10.08 -4.53
CA GLU A 107 25.29 9.38 -3.39
C GLU A 107 24.27 8.51 -2.67
N ARG A 108 22.99 8.67 -3.00
CA ARG A 108 21.92 8.01 -2.25
C ARG A 108 21.57 6.65 -2.85
N PHE A 109 21.70 5.60 -2.04
CA PHE A 109 21.31 4.25 -2.43
C PHE A 109 19.81 4.11 -2.38
N LEU A 110 19.18 3.75 -3.50
CA LEU A 110 17.74 3.65 -3.54
C LEU A 110 17.23 2.24 -3.70
N MET A 111 17.88 1.41 -4.51
CA MET A 111 17.31 0.17 -4.97
C MET A 111 18.37 -0.89 -5.28
N TYR A 112 18.00 -2.16 -5.11
CA TYR A 112 18.80 -3.33 -5.46
C TYR A 112 17.98 -4.10 -6.50
N ALA A 113 18.48 -4.23 -7.72
CA ALA A 113 17.72 -4.82 -8.82
C ALA A 113 18.29 -6.20 -9.16
N HIS A 114 17.43 -7.18 -9.42
CA HIS A 114 17.85 -8.55 -9.76
C HIS A 114 17.16 -8.94 -11.05
N PHE A 115 17.98 -9.34 -12.00
CA PHE A 115 17.55 -9.84 -13.30
C PHE A 115 17.74 -11.35 -13.33
N GLN A 116 16.88 -12.01 -14.10
CA GLN A 116 16.91 -13.47 -14.17
C GLN A 116 18.08 -13.92 -15.05
N ASP A 117 18.30 -13.24 -16.19
CA ASP A 117 19.19 -13.61 -17.32
C ASP A 117 20.42 -12.68 -17.44
N PRO A 118 21.60 -13.21 -17.89
CA PRO A 118 22.86 -12.37 -18.05
C PRO A 118 22.78 -11.23 -18.92
N LYS A 119 21.77 -11.22 -19.74
CA LYS A 119 21.50 -10.15 -20.65
C LYS A 119 20.61 -9.09 -20.02
N TYR A 120 20.15 -9.23 -18.76
CA TYR A 120 19.36 -8.19 -18.09
C TYR A 120 18.12 -7.82 -18.90
N ARG A 121 17.45 -8.82 -19.49
CA ARG A 121 16.21 -8.59 -20.23
C ARG A 121 14.97 -8.95 -19.41
N ILE A 122 15.13 -9.66 -18.30
CA ILE A 122 14.01 -10.19 -17.51
C ILE A 122 14.21 -9.68 -16.09
N LEU A 123 13.60 -8.54 -15.78
CA LEU A 123 13.68 -8.04 -14.41
C LEU A 123 12.87 -8.99 -13.54
N ASP A 124 13.46 -9.39 -12.42
CA ASP A 124 12.86 -10.32 -11.48
C ASP A 124 12.32 -9.61 -10.25
N TYR A 125 13.17 -8.94 -9.47
CA TYR A 125 12.72 -8.10 -8.35
C TYR A 125 13.54 -6.83 -8.24
N VAL A 126 12.95 -5.87 -7.50
CA VAL A 126 13.62 -4.63 -7.10
C VAL A 126 13.29 -4.38 -5.63
N ASN A 127 14.34 -4.31 -4.79
CA ASN A 127 14.22 -3.94 -3.38
C ASN A 127 14.42 -2.43 -3.25
N HIS A 128 13.66 -1.82 -2.34
CA HIS A 128 13.70 -0.39 -2.05
C HIS A 128 14.18 -0.19 -0.63
N PHE A 129 14.96 0.88 -0.39
CA PHE A 129 15.56 1.18 0.93
C PHE A 129 15.24 2.60 1.35
N ASP A 130 15.09 2.80 2.66
CA ASP A 130 14.93 4.12 3.24
C ASP A 130 16.27 4.73 3.63
N SER A 131 16.17 5.92 4.22
CA SER A 131 17.35 6.73 4.41
C SER A 131 18.34 6.04 5.32
N GLN A 132 17.88 5.08 6.13
CA GLN A 132 18.72 4.29 7.02
C GLN A 132 19.15 2.95 6.46
N ARG A 133 19.02 2.80 5.14
CA ARG A 133 19.21 1.54 4.41
C ARG A 133 18.35 0.37 4.92
N ARG A 134 17.21 0.68 5.54
CA ARG A 134 16.22 -0.34 5.80
C ARG A 134 15.52 -0.75 4.50
N LYS A 135 15.36 -2.04 4.32
CA LYS A 135 14.66 -2.61 3.17
C LYS A 135 13.17 -2.57 3.48
N VAL A 136 12.41 -1.64 2.85
CA VAL A 136 11.01 -1.36 3.22
C VAL A 136 10.00 -2.03 2.25
N LYS A 137 10.42 -2.39 1.07
CA LYS A 137 9.49 -2.89 0.07
C LYS A 137 10.25 -3.70 -0.98
N ARG A 138 9.59 -4.73 -1.54
CA ARG A 138 10.15 -5.51 -2.64
C ARG A 138 9.12 -5.55 -3.77
N ASP A 139 9.58 -5.22 -4.98
CA ASP A 139 8.71 -5.28 -6.15
C ASP A 139 9.03 -6.57 -6.87
N PHE A 140 8.03 -7.45 -7.04
CA PHE A 140 8.17 -8.73 -7.77
C PHE A 140 7.54 -8.64 -9.17
N TYR A 141 8.36 -8.84 -10.19
CA TYR A 141 7.93 -8.74 -11.58
C TYR A 141 7.49 -10.10 -12.10
N ASP A 142 6.38 -10.11 -12.82
CA ASP A 142 6.00 -11.29 -13.59
C ASP A 142 6.97 -11.46 -14.78
N VAL A 143 7.23 -12.72 -15.16
CA VAL A 143 8.11 -12.98 -16.31
C VAL A 143 7.55 -12.33 -17.57
N ARG A 144 6.24 -12.13 -17.63
CA ARG A 144 5.66 -11.44 -18.78
C ARG A 144 6.06 -9.96 -18.79
N GLY A 145 6.51 -9.42 -17.65
CA GLY A 145 7.05 -8.06 -17.64
C GLY A 145 6.44 -7.11 -16.62
N PHE A 146 5.17 -7.27 -16.26
CA PHE A 146 4.50 -6.27 -15.43
C PHE A 146 4.91 -6.52 -13.96
N LEU A 147 4.89 -5.44 -13.18
CA LEU A 147 5.05 -5.52 -11.73
C LEU A 147 3.84 -6.22 -11.11
N SER A 148 4.05 -7.40 -10.49
CA SER A 148 2.97 -8.25 -10.06
C SER A 148 2.58 -8.00 -8.62
N CYS A 149 3.56 -7.88 -7.76
CA CYS A 149 3.25 -7.83 -6.33
C CYS A 149 4.30 -6.92 -5.70
N SER A 150 3.87 -6.04 -4.78
CA SER A 150 4.79 -5.37 -3.87
C SER A 150 4.55 -5.89 -2.46
N ARG A 151 5.65 -6.24 -1.76
CA ARG A 151 5.64 -6.80 -0.42
C ARG A 151 6.26 -5.75 0.50
N ILE A 152 5.52 -5.39 1.55
CA ILE A 152 5.92 -4.41 2.56
C ILE A 152 6.53 -5.15 3.72
N LEU A 153 7.71 -4.71 4.15
CA LEU A 153 8.48 -5.40 5.17
C LEU A 153 8.45 -4.61 6.47
N VAL A 154 8.64 -5.35 7.58
CA VAL A 154 8.86 -4.78 8.90
C VAL A 154 10.02 -5.51 9.57
N ASP A 155 10.58 -4.88 10.61
CA ASP A 155 11.59 -5.50 11.45
C ASP A 155 12.64 -6.23 10.61
N LYS A 156 13.04 -7.48 10.93
CA LYS A 156 14.15 -8.20 10.22
C LYS A 156 13.57 -8.73 8.90
N GLN A 157 13.20 -7.86 7.98
CA GLN A 157 12.68 -8.23 6.66
C GLN A 157 11.55 -9.27 6.76
N GLN A 158 10.63 -9.05 7.71
CA GLN A 158 9.45 -9.89 7.86
C GLN A 158 8.33 -9.36 6.96
N THR A 159 7.61 -10.28 6.32
CA THR A 159 6.48 -9.91 5.46
C THR A 159 5.30 -9.42 6.27
N LEU A 160 4.88 -8.16 6.07
CA LEU A 160 3.69 -7.60 6.71
C LEU A 160 2.48 -7.59 5.78
N CYS A 161 2.60 -7.06 4.56
CA CYS A 161 1.44 -7.07 3.69
C CYS A 161 1.91 -7.06 2.25
N GLU A 162 1.03 -7.51 1.38
CA GLU A 162 1.37 -7.64 -0.03
C GLU A 162 0.24 -7.05 -0.85
N PHE A 163 0.59 -6.38 -1.97
CA PHE A 163 -0.37 -5.76 -2.86
C PHE A 163 -0.14 -6.33 -4.25
N PHE A 164 -1.21 -6.73 -4.91
CA PHE A 164 -1.09 -7.37 -6.22
C PHE A 164 -1.76 -6.49 -7.26
N TYR A 165 -1.10 -6.32 -8.41
CA TYR A 165 -1.51 -5.29 -9.37
C TYR A 165 -1.90 -5.94 -10.69
N ASN A 166 -2.78 -5.26 -11.44
CA ASN A 166 -2.95 -5.59 -12.85
C ASN A 166 -1.77 -5.03 -13.62
N PRO A 167 -1.63 -5.43 -14.90
CA PRO A 167 -0.53 -4.92 -15.72
C PRO A 167 -0.49 -3.43 -15.81
N GLU A 168 -1.61 -2.74 -15.63
CA GLU A 168 -1.59 -1.29 -15.73
C GLU A 168 -1.20 -0.62 -14.42
N GLY A 169 -1.08 -1.36 -13.32
CA GLY A 169 -0.63 -0.79 -12.07
C GLY A 169 -1.71 -0.60 -11.04
N ASP A 170 -2.95 -0.97 -11.32
CA ASP A 170 -4.03 -0.82 -10.35
C ASP A 170 -3.95 -1.95 -9.32
N THR A 171 -4.18 -1.61 -8.05
CA THR A 171 -4.23 -2.64 -7.00
C THR A 171 -5.50 -3.49 -7.15
N LYS A 172 -5.33 -4.82 -7.22
CA LYS A 172 -6.44 -5.77 -7.32
C LYS A 172 -6.60 -6.67 -6.10
N LEU A 173 -5.54 -6.88 -5.31
CA LEU A 173 -5.63 -7.72 -4.09
C LEU A 173 -4.67 -7.20 -3.05
N GLU A 174 -5.03 -7.39 -1.79
CA GLU A 174 -4.15 -7.08 -0.69
C GLU A 174 -4.20 -8.27 0.24
N LYS A 175 -3.07 -8.61 0.82
CA LYS A 175 -2.93 -9.68 1.80
C LYS A 175 -2.19 -9.12 3.01
N TYR A 176 -2.71 -9.43 4.19
CA TYR A 176 -2.12 -9.02 5.46
C TYR A 176 -1.71 -10.28 6.20
N PHE A 177 -0.54 -10.24 6.85
CA PHE A 177 0.10 -11.41 7.42
C PHE A 177 0.42 -11.17 8.90
N SER A 178 0.48 -12.27 9.65
CA SER A 178 1.02 -12.34 11.00
C SER A 178 1.85 -13.61 11.12
N TYR A 179 2.86 -13.57 11.98
CA TYR A 179 3.84 -14.65 11.98
C TYR A 179 3.43 -15.73 12.99
N LYS A 180 3.58 -16.98 12.56
CA LYS A 180 3.33 -18.17 13.39
C LYS A 180 4.44 -19.15 13.08
N ASP A 181 5.10 -19.65 14.15
CA ASP A 181 6.18 -20.64 14.02
C ASP A 181 7.24 -20.14 13.05
N GLY A 182 7.45 -18.82 13.07
CA GLY A 182 8.54 -18.21 12.35
C GLY A 182 8.24 -17.95 10.90
N LYS A 183 6.97 -18.07 10.49
CA LYS A 183 6.60 -17.91 9.09
C LYS A 183 5.37 -17.04 8.97
N PRO A 184 5.24 -16.27 7.88
CA PRO A 184 4.06 -15.42 7.70
C PRO A 184 2.85 -16.27 7.34
N GLU A 185 1.70 -15.94 7.93
CA GLU A 185 0.44 -16.64 7.68
C GLU A 185 -0.60 -15.59 7.33
N VAL A 186 -1.36 -15.84 6.25
CA VAL A 186 -2.44 -14.93 5.84
C VAL A 186 -3.45 -14.77 6.96
N GLN A 187 -3.83 -13.52 7.26
CA GLN A 187 -4.90 -13.20 8.20
C GLN A 187 -6.02 -12.40 7.52
N LYS A 188 -5.73 -11.82 6.36
CA LYS A 188 -6.77 -11.05 5.69
C LYS A 188 -6.45 -10.99 4.21
N ILE A 189 -7.50 -11.02 3.41
CA ILE A 189 -7.33 -10.81 1.97
C ILE A 189 -8.42 -9.86 1.54
N ILE A 190 -8.05 -8.77 0.85
CA ILE A 190 -9.01 -7.88 0.21
C ILE A 190 -8.84 -8.05 -1.28
N VAL A 191 -9.97 -8.09 -2.02
CA VAL A 191 -9.99 -8.26 -3.47
C VAL A 191 -10.86 -7.16 -4.05
N TYR A 192 -10.38 -6.54 -5.13
CA TYR A 192 -11.14 -5.53 -5.87
C TYR A 192 -11.62 -6.21 -7.15
N TYR A 193 -12.92 -6.45 -7.24
CA TYR A 193 -13.50 -7.20 -8.36
C TYR A 193 -14.92 -6.70 -8.63
N ALA A 194 -15.34 -6.66 -9.91
CA ALA A 194 -16.71 -6.27 -10.28
C ALA A 194 -17.07 -4.90 -9.69
N ASN A 195 -16.11 -3.99 -9.69
CA ASN A 195 -16.22 -2.63 -9.13
C ASN A 195 -16.63 -2.64 -7.67
N LYS A 196 -16.38 -3.74 -6.96
CA LYS A 196 -16.65 -3.80 -5.53
C LYS A 196 -15.37 -4.20 -4.80
N GLN A 197 -15.47 -4.33 -3.46
CA GLN A 197 -14.46 -4.88 -2.58
C GLN A 197 -15.00 -6.17 -1.95
N TYR A 198 -14.14 -7.19 -1.80
CA TYR A 198 -14.51 -8.47 -1.19
C TYR A 198 -13.46 -8.84 -0.14
N PHE A 199 -13.90 -9.40 0.97
CA PHE A 199 -13.02 -9.68 2.10
C PHE A 199 -12.98 -11.17 2.46
N PHE A 200 -11.80 -11.68 2.84
CA PHE A 200 -11.58 -13.08 3.19
C PHE A 200 -10.54 -13.17 4.32
N ASN A 201 -10.55 -14.30 5.02
CA ASN A 201 -9.60 -14.56 6.10
C ASN A 201 -8.43 -15.40 5.67
N ASN A 202 -8.55 -16.16 4.59
CA ASN A 202 -7.48 -17.07 4.17
C ASN A 202 -7.65 -17.36 2.67
N GLU A 203 -6.67 -18.06 2.09
CA GLU A 203 -6.66 -18.37 0.66
C GLU A 203 -7.67 -19.42 0.25
N THR A 204 -8.05 -20.31 1.20
CA THR A 204 -9.14 -21.25 0.93
C THR A 204 -10.41 -20.50 0.63
N GLU A 205 -10.73 -19.46 1.43
CA GLU A 205 -11.95 -18.72 1.12
C GLU A 205 -11.83 -17.95 -0.19
N LEU A 206 -10.65 -17.41 -0.49
CA LEU A 206 -10.42 -16.77 -1.79
C LEU A 206 -10.62 -17.76 -2.93
N GLY A 207 -10.04 -18.96 -2.76
CA GLY A 207 -10.23 -20.00 -3.76
C GLY A 207 -11.68 -20.32 -4.01
N ALA A 208 -12.48 -20.38 -2.94
CA ALA A 208 -13.87 -20.75 -3.09
C ALA A 208 -14.62 -19.67 -3.87
N PHE A 209 -14.29 -18.39 -3.61
CA PHE A 209 -14.87 -17.27 -4.38
C PHE A 209 -14.52 -17.38 -5.85
N PHE A 210 -13.25 -17.73 -6.16
CA PHE A 210 -12.79 -17.91 -7.53
C PHE A 210 -13.54 -19.01 -8.27
N ILE A 211 -13.71 -20.19 -7.63
CA ILE A 211 -14.49 -21.25 -8.25
C ILE A 211 -15.90 -20.74 -8.60
N LYS A 212 -16.54 -20.09 -7.62
CA LYS A 212 -17.88 -19.56 -7.86
C LYS A 212 -17.92 -18.60 -9.04
N GLN A 213 -16.87 -17.78 -9.25
CA GLN A 213 -16.88 -16.84 -10.39
C GLN A 213 -16.72 -17.60 -11.71
N LEU A 214 -15.99 -18.70 -11.70
CA LEU A 214 -15.80 -19.45 -12.93
C LEU A 214 -17.06 -20.20 -13.35
N TYR A 215 -17.85 -20.68 -12.38
CA TYR A 215 -18.83 -21.70 -12.74
C TYR A 215 -20.01 -21.12 -13.52
N GLN A 216 -20.40 -21.87 -14.54
CA GLN A 216 -21.67 -21.69 -15.24
C GLN A 216 -22.32 -23.06 -15.31
N HIS A 217 -23.65 -23.10 -15.28
CA HIS A 217 -24.37 -24.35 -15.43
C HIS A 217 -23.87 -25.07 -16.67
N GLY A 218 -23.56 -26.36 -16.50
CA GLY A 218 -22.97 -27.16 -17.52
C GLY A 218 -21.51 -27.46 -17.31
N ASP A 219 -20.82 -26.65 -16.50
CA ASP A 219 -19.38 -26.83 -16.30
C ASP A 219 -19.15 -27.97 -15.29
N LEU A 220 -17.91 -28.51 -15.29
CA LEU A 220 -17.54 -29.65 -14.43
C LEU A 220 -16.13 -29.42 -13.88
N PHE A 221 -15.93 -29.62 -12.59
CA PHE A 221 -14.63 -29.37 -11.98
C PHE A 221 -14.00 -30.70 -11.58
N PHE A 222 -12.67 -30.78 -11.64
CA PHE A 222 -11.91 -31.91 -11.18
C PHE A 222 -10.91 -31.45 -10.13
N SER A 223 -11.01 -32.05 -8.96
CA SER A 223 -10.19 -31.71 -7.82
C SER A 223 -8.92 -32.57 -7.80
N ASP A 224 -7.79 -32.00 -8.30
CA ASP A 224 -6.59 -32.82 -8.48
C ASP A 224 -5.51 -32.65 -7.41
N ARG A 225 -5.43 -31.51 -6.75
CA ARG A 225 -4.47 -31.25 -5.67
C ARG A 225 -5.26 -31.09 -4.38
N ASN A 226 -5.78 -32.20 -3.91
CA ASN A 226 -6.87 -32.23 -2.94
C ASN A 226 -6.48 -31.61 -1.59
N VAL A 227 -5.20 -31.58 -1.26
CA VAL A 227 -4.76 -30.99 0.01
C VAL A 227 -5.21 -29.53 0.07
N TYR A 228 -5.29 -28.87 -1.12
CA TYR A 228 -5.69 -27.49 -1.27
C TYR A 228 -7.08 -27.36 -1.88
N THR A 229 -7.37 -28.19 -2.88
CA THR A 229 -8.60 -28.06 -3.65
C THR A 229 -9.80 -28.61 -2.93
N ALA A 230 -9.63 -29.60 -2.02
CA ALA A 230 -10.81 -30.12 -1.33
C ALA A 230 -11.34 -29.10 -0.33
N PRO A 231 -10.53 -28.47 0.53
CA PRO A 231 -11.07 -27.45 1.44
C PRO A 231 -11.74 -26.31 0.69
N ILE A 232 -11.26 -26.01 -0.52
CA ILE A 232 -11.89 -24.99 -1.37
C ILE A 232 -13.28 -25.44 -1.84
N PHE A 233 -13.39 -26.61 -2.47
CA PHE A 233 -14.69 -27.09 -2.91
C PHE A 233 -15.63 -27.31 -1.75
N ASN A 234 -15.10 -27.60 -0.56
CA ASN A 234 -15.97 -27.76 0.58
C ASN A 234 -16.66 -26.45 0.92
N LEU A 235 -16.08 -25.34 0.57
CA LEU A 235 -16.70 -24.05 0.86
C LEU A 235 -17.56 -23.54 -0.31
N THR A 236 -17.82 -24.37 -1.32
CA THR A 236 -18.64 -24.01 -2.48
C THR A 236 -19.95 -24.81 -2.49
N PRO A 237 -20.98 -24.34 -3.19
CA PRO A 237 -22.29 -25.00 -3.11
C PRO A 237 -22.32 -26.27 -3.94
N GLU A 238 -23.15 -27.22 -3.49
CA GLU A 238 -23.27 -28.57 -4.08
C GLU A 238 -23.89 -28.52 -5.46
N SER A 239 -24.49 -27.38 -5.83
CA SER A 239 -24.90 -27.13 -7.21
C SER A 239 -23.72 -27.12 -8.16
N ILE A 240 -22.49 -26.86 -7.68
CA ILE A 240 -21.28 -26.91 -8.50
C ILE A 240 -20.72 -28.33 -8.45
N PRO A 241 -20.70 -29.06 -9.57
CA PRO A 241 -20.32 -30.49 -9.56
C PRO A 241 -18.80 -30.57 -9.63
N VAL A 242 -18.23 -31.43 -8.76
CA VAL A 242 -16.77 -31.61 -8.70
C VAL A 242 -16.44 -33.09 -8.51
N VAL A 243 -15.47 -33.58 -9.28
CA VAL A 243 -14.99 -34.96 -9.18
C VAL A 243 -13.65 -34.93 -8.44
N ALA A 244 -13.46 -35.78 -7.41
CA ALA A 244 -12.16 -35.86 -6.76
C ALA A 244 -11.26 -36.87 -7.48
N VAL A 245 -10.01 -36.49 -7.73
CA VAL A 245 -9.03 -37.32 -8.42
C VAL A 245 -7.94 -37.66 -7.43
N LEU A 246 -7.79 -38.95 -7.12
CA LEU A 246 -6.67 -39.42 -6.31
C LEU A 246 -5.48 -39.80 -7.20
N HIS A 247 -4.29 -39.34 -6.82
CA HIS A 247 -3.05 -39.64 -7.56
C HIS A 247 -2.08 -40.49 -6.76
N SER A 248 -2.51 -41.06 -5.63
CA SER A 248 -1.65 -41.93 -4.84
C SER A 248 -2.54 -42.82 -3.95
N THR A 249 -1.90 -43.64 -3.14
CA THR A 249 -2.67 -44.46 -2.23
C THR A 249 -3.46 -43.58 -1.30
N HIS A 250 -4.67 -44.01 -0.96
CA HIS A 250 -5.61 -43.17 -0.25
C HIS A 250 -5.47 -43.23 1.29
N ILE A 251 -4.73 -44.21 1.84
CA ILE A 251 -4.66 -44.42 3.29
C ILE A 251 -3.19 -44.50 3.69
N LYS A 252 -2.90 -44.18 4.97
CA LYS A 252 -1.51 -44.16 5.43
C LYS A 252 -0.90 -45.58 5.50
N ASN A 253 -1.73 -46.59 5.76
CA ASN A 253 -1.29 -47.97 5.95
C ASN A 253 -2.09 -48.90 5.04
N ILE A 254 -1.49 -49.28 3.90
CA ILE A 254 -2.19 -50.05 2.85
C ILE A 254 -2.60 -51.42 3.34
N ASP A 255 -1.95 -51.89 4.40
CA ASP A 255 -2.18 -53.21 4.97
C ASP A 255 -3.29 -53.20 6.00
N ALA A 256 -3.90 -52.05 6.28
CA ALA A 256 -5.12 -52.00 7.11
C ALA A 256 -6.22 -51.30 6.31
N LEU A 257 -6.73 -51.98 5.28
CA LEU A 257 -7.67 -51.38 4.33
C LEU A 257 -8.83 -50.73 5.03
N ASP A 258 -9.29 -51.36 6.13
CA ASP A 258 -10.59 -51.01 6.74
C ASP A 258 -10.43 -49.87 7.73
N SER A 259 -9.33 -49.85 8.46
CA SER A 259 -9.22 -49.02 9.65
C SER A 259 -8.16 -47.94 9.52
N SER A 260 -7.21 -48.08 8.60
CA SER A 260 -6.18 -47.06 8.44
C SER A 260 -6.79 -45.67 8.27
N PRO A 261 -6.25 -44.68 8.92
CA PRO A 261 -6.57 -43.31 8.56
C PRO A 261 -6.24 -43.05 7.07
N PHE A 262 -7.07 -42.18 6.48
CA PHE A 262 -6.78 -41.65 5.15
C PHE A 262 -5.50 -40.83 5.22
N LYS A 263 -4.84 -40.73 4.07
CA LYS A 263 -3.70 -39.82 3.90
C LYS A 263 -4.12 -38.39 4.27
N ASN A 264 -3.21 -37.69 5.00
CA ASN A 264 -3.53 -36.32 5.44
C ASN A 264 -3.96 -35.44 4.26
N VAL A 265 -3.37 -35.65 3.09
CA VAL A 265 -3.68 -34.84 1.92
C VAL A 265 -5.08 -35.10 1.36
N TYR A 266 -5.68 -36.24 1.68
CA TYR A 266 -7.02 -36.57 1.24
C TYR A 266 -8.07 -36.43 2.34
N LYS A 267 -7.66 -36.13 3.56
CA LYS A 267 -8.57 -36.17 4.69
C LYS A 267 -9.78 -35.26 4.48
N ALA A 268 -9.55 -34.06 3.96
CA ALA A 268 -10.62 -33.08 3.76
C ALA A 268 -11.64 -33.56 2.75
N MET A 269 -11.18 -34.28 1.72
CA MET A 269 -12.10 -34.78 0.70
C MET A 269 -12.91 -35.96 1.27
N PHE A 270 -12.23 -36.92 1.90
CA PHE A 270 -12.93 -38.11 2.38
C PHE A 270 -13.89 -37.78 3.51
N GLU A 271 -13.58 -36.73 4.31
CA GLU A 271 -14.47 -36.31 5.41
C GLU A 271 -15.68 -35.55 4.90
N ASN A 272 -15.81 -35.34 3.60
CA ASN A 272 -16.97 -34.65 3.04
C ASN A 272 -17.31 -35.25 1.69
N LEU A 273 -17.40 -36.60 1.63
CA LEU A 273 -17.57 -37.31 0.38
C LEU A 273 -18.80 -36.87 -0.39
N SER A 274 -19.88 -36.48 0.31
CA SER A 274 -21.13 -36.26 -0.40
C SER A 274 -21.04 -35.00 -1.24
N ARG A 275 -20.04 -34.14 -0.99
CA ARG A 275 -19.73 -33.00 -1.88
C ARG A 275 -19.34 -33.42 -3.30
N TYR A 276 -18.74 -34.59 -3.49
CA TYR A 276 -18.08 -34.97 -4.74
C TYR A 276 -18.97 -35.92 -5.51
N ARG A 277 -19.03 -35.73 -6.83
CA ARG A 277 -19.85 -36.57 -7.67
C ARG A 277 -19.31 -37.98 -7.79
N ALA A 278 -18.00 -38.10 -7.79
CA ALA A 278 -17.30 -39.34 -7.96
C ALA A 278 -15.88 -39.13 -7.48
N ILE A 279 -15.17 -40.25 -7.43
CA ILE A 279 -13.73 -40.28 -7.27
C ILE A 279 -13.14 -41.07 -8.43
N ILE A 280 -12.06 -40.52 -9.01
CA ILE A 280 -11.24 -41.18 -10.05
C ILE A 280 -9.93 -41.68 -9.44
N VAL A 281 -9.56 -42.92 -9.76
CA VAL A 281 -8.27 -43.48 -9.37
C VAL A 281 -7.68 -44.05 -10.65
N SER A 282 -6.38 -44.30 -10.63
CA SER A 282 -5.67 -44.73 -11.83
C SER A 282 -5.73 -46.24 -12.07
N THR A 283 -6.06 -47.07 -11.06
CA THR A 283 -6.07 -48.55 -11.23
C THR A 283 -7.41 -49.19 -10.82
N GLU A 284 -7.74 -50.30 -11.49
CA GLU A 284 -8.90 -51.10 -11.10
C GLU A 284 -8.78 -51.56 -9.66
N GLN A 285 -7.59 -51.97 -9.26
CA GLN A 285 -7.32 -52.45 -7.90
C GLN A 285 -7.56 -51.38 -6.84
N GLN A 286 -7.11 -50.13 -7.09
CA GLN A 286 -7.38 -49.09 -6.10
C GLN A 286 -8.86 -48.78 -6.13
N LYS A 287 -9.49 -48.83 -7.30
CA LYS A 287 -10.91 -48.58 -7.36
C LYS A 287 -11.68 -49.53 -6.42
N LEU A 288 -11.37 -50.82 -6.50
CA LEU A 288 -12.09 -51.79 -5.65
C LEU A 288 -11.89 -51.49 -4.15
N ASP A 289 -10.68 -51.08 -3.74
CA ASP A 289 -10.44 -50.87 -2.30
C ASP A 289 -11.17 -49.61 -1.82
N VAL A 290 -11.15 -48.55 -2.64
CA VAL A 290 -11.75 -47.29 -2.21
C VAL A 290 -13.27 -47.46 -2.12
N GLU A 291 -13.91 -48.05 -3.15
CA GLU A 291 -15.35 -48.32 -3.13
C GLU A 291 -15.72 -49.05 -1.84
N LYS A 292 -15.01 -50.13 -1.58
CA LYS A 292 -15.32 -50.88 -0.36
C LYS A 292 -15.21 -49.97 0.85
N ARG A 293 -14.08 -49.27 0.97
CA ARG A 293 -13.81 -48.45 2.15
C ARG A 293 -14.87 -47.37 2.36
N ILE A 294 -15.45 -46.82 1.28
CA ILE A 294 -16.35 -45.69 1.45
C ILE A 294 -17.78 -46.22 1.38
N ASN A 295 -17.91 -47.55 1.47
CA ASN A 295 -19.21 -48.23 1.39
C ASN A 295 -20.02 -47.77 0.18
N HIS A 296 -19.34 -47.52 -0.93
CA HIS A 296 -20.00 -47.20 -2.23
C HIS A 296 -20.86 -45.97 -2.16
N THR A 297 -20.52 -45.05 -1.26
CA THR A 297 -21.38 -43.89 -1.07
C THR A 297 -21.44 -42.96 -2.28
N ILE A 298 -20.35 -42.86 -3.06
CA ILE A 298 -20.32 -42.22 -4.38
C ILE A 298 -19.59 -43.14 -5.34
N PRO A 299 -19.78 -42.95 -6.65
CA PRO A 299 -19.07 -43.77 -7.61
C PRO A 299 -17.57 -43.55 -7.55
N VAL A 300 -16.87 -44.66 -7.74
CA VAL A 300 -15.44 -44.65 -7.93
C VAL A 300 -15.16 -45.24 -9.30
N VAL A 301 -14.26 -44.62 -10.04
CA VAL A 301 -14.03 -45.03 -11.42
C VAL A 301 -12.51 -45.05 -11.63
N ASN A 302 -12.00 -46.12 -12.26
CA ASN A 302 -10.60 -46.11 -12.64
C ASN A 302 -10.41 -45.58 -14.06
N ILE A 303 -9.54 -44.58 -14.21
CA ILE A 303 -9.16 -44.06 -15.52
C ILE A 303 -7.67 -43.87 -15.45
N PRO A 304 -6.88 -44.56 -16.27
CA PRO A 304 -5.44 -44.36 -16.22
C PRO A 304 -5.08 -42.89 -16.41
N VAL A 305 -3.97 -42.54 -15.78
CA VAL A 305 -3.40 -41.20 -15.76
C VAL A 305 -2.54 -40.89 -16.96
N GLY A 306 -2.20 -41.90 -17.78
CA GLY A 306 -1.70 -41.64 -19.12
C GLY A 306 -2.01 -42.74 -20.13
N TYR A 307 -1.51 -42.56 -21.36
CA TYR A 307 -1.72 -43.46 -22.48
C TYR A 307 -0.38 -43.78 -23.13
N SER A 308 -0.36 -44.85 -23.95
CA SER A 308 0.83 -45.27 -24.65
C SER A 308 0.78 -44.77 -26.08
N THR A 313 10.30 -46.24 -33.72
CA THR A 313 11.68 -46.66 -33.53
C THR A 313 11.74 -48.20 -33.47
N PRO A 314 12.94 -48.77 -33.61
CA PRO A 314 13.08 -50.24 -33.58
C PRO A 314 12.99 -50.78 -32.17
N VAL A 315 12.62 -52.07 -32.09
CA VAL A 315 12.20 -52.73 -30.85
C VAL A 315 12.83 -54.12 -30.73
N GLN A 316 13.20 -54.47 -29.49
CA GLN A 316 13.74 -55.80 -29.12
C GLN A 316 14.82 -56.30 -30.08
N THR A 317 15.86 -55.50 -30.21
CA THR A 317 17.06 -55.85 -30.96
C THR A 317 18.11 -56.20 -29.91
N LEU A 318 18.09 -57.46 -29.49
CA LEU A 318 18.85 -57.95 -28.33
C LEU A 318 20.28 -58.39 -28.69
N SER A 322 25.06 -59.77 -24.70
CA SER A 322 24.75 -59.38 -23.31
C SER A 322 23.24 -59.46 -22.99
N VAL A 323 22.91 -59.78 -21.74
CA VAL A 323 21.52 -59.84 -21.25
C VAL A 323 21.26 -58.60 -20.40
N LYS A 324 20.45 -57.68 -20.91
CA LYS A 324 20.24 -56.35 -20.30
C LYS A 324 18.94 -56.35 -19.49
N LEU A 325 19.05 -56.36 -18.14
CA LEU A 325 17.95 -56.05 -17.23
C LEU A 325 17.90 -54.55 -17.02
N ILE A 326 16.72 -54.01 -16.78
CA ILE A 326 16.57 -52.60 -16.47
C ILE A 326 15.63 -52.41 -15.29
N SER A 327 15.85 -51.27 -14.60
CA SER A 327 15.02 -50.74 -13.52
C SER A 327 14.88 -49.23 -13.73
N VAL A 328 13.64 -48.75 -13.84
CA VAL A 328 13.34 -47.33 -14.03
C VAL A 328 12.62 -46.91 -12.76
N ALA A 329 13.32 -46.25 -11.85
CA ALA A 329 12.82 -46.13 -10.48
C ALA A 329 13.66 -45.12 -9.71
N ARG A 330 12.99 -44.16 -9.04
CA ARG A 330 13.65 -43.27 -8.09
C ARG A 330 14.53 -44.11 -7.17
N TYR A 331 15.69 -43.56 -6.79
CA TYR A 331 16.58 -44.26 -5.87
C TYR A 331 16.14 -43.94 -4.43
N SER A 332 15.03 -44.53 -4.02
CA SER A 332 14.44 -44.25 -2.72
C SER A 332 14.18 -45.58 -2.05
N PRO A 333 14.04 -45.61 -0.72
CA PRO A 333 14.00 -46.91 -0.02
C PRO A 333 12.81 -47.77 -0.39
N GLU A 334 11.62 -47.19 -0.59
CA GLU A 334 10.44 -47.95 -0.97
C GLU A 334 10.73 -48.83 -2.19
N LYS A 335 11.66 -48.40 -3.05
CA LYS A 335 11.93 -49.14 -4.28
C LYS A 335 12.82 -50.37 -4.05
N GLN A 336 13.50 -50.43 -2.92
CA GLN A 336 14.30 -51.59 -2.52
C GLN A 336 15.22 -52.04 -3.64
N LEU A 337 15.98 -51.08 -4.18
CA LEU A 337 16.86 -51.35 -5.32
C LEU A 337 18.07 -52.20 -4.92
N HIS A 338 18.41 -52.21 -3.64
CA HIS A 338 19.45 -53.12 -3.16
C HIS A 338 19.12 -54.58 -3.49
N GLN A 339 17.84 -54.95 -3.53
CA GLN A 339 17.47 -56.33 -3.81
C GLN A 339 17.84 -56.68 -5.25
N GLN A 340 17.83 -55.67 -6.14
CA GLN A 340 18.19 -55.96 -7.52
C GLN A 340 19.69 -56.25 -7.62
N ILE A 341 20.49 -55.55 -6.79
CA ILE A 341 21.93 -55.81 -6.67
C ILE A 341 22.16 -57.26 -6.22
N GLU A 342 21.45 -57.67 -5.17
CA GLU A 342 21.50 -59.02 -4.61
C GLU A 342 21.10 -60.05 -5.65
N LEU A 343 20.11 -59.71 -6.49
CA LEU A 343 19.68 -60.62 -7.55
C LEU A 343 20.82 -60.84 -8.56
N ILE A 344 21.52 -59.76 -8.90
CA ILE A 344 22.61 -59.82 -9.89
C ILE A 344 23.81 -60.56 -9.31
N LYS A 345 24.18 -60.25 -8.06
CA LYS A 345 25.19 -61.00 -7.32
C LYS A 345 24.99 -62.51 -7.47
N ARG A 346 23.73 -62.99 -7.33
CA ARG A 346 23.41 -64.40 -7.45
C ARG A 346 23.41 -64.84 -8.90
N LEU A 347 22.97 -63.99 -9.84
CA LEU A 347 22.76 -64.41 -11.24
C LEU A 347 24.02 -64.35 -12.13
N VAL A 348 25.09 -63.75 -11.63
CA VAL A 348 26.23 -63.50 -12.51
C VAL A 348 26.99 -64.82 -12.71
N SER A 349 27.06 -65.64 -11.65
CA SER A 349 27.63 -66.98 -11.73
C SER A 349 27.06 -67.73 -12.92
N TYR A 350 25.74 -67.75 -13.05
CA TYR A 350 25.09 -68.50 -14.13
C TYR A 350 24.98 -67.67 -15.41
N VAL A 351 24.93 -66.34 -15.28
CA VAL A 351 24.76 -65.46 -16.43
C VAL A 351 25.88 -64.43 -16.35
N PRO A 352 27.05 -64.72 -16.94
CA PRO A 352 28.19 -63.82 -16.77
C PRO A 352 28.13 -62.62 -17.68
N LYS A 353 27.36 -62.64 -18.78
CA LYS A 353 27.22 -61.49 -19.68
C LYS A 353 26.00 -60.62 -19.31
N ILE A 354 25.56 -60.69 -18.06
CA ILE A 354 24.39 -59.95 -17.58
C ILE A 354 24.80 -58.54 -17.22
N GLU A 355 23.87 -57.60 -17.43
CA GLU A 355 23.98 -56.20 -17.05
C GLU A 355 22.66 -55.79 -16.42
N LEU A 356 22.69 -54.89 -15.42
CA LEU A 356 21.50 -54.23 -14.89
C LEU A 356 21.71 -52.72 -14.87
N HIS A 357 20.86 -51.98 -15.57
CA HIS A 357 20.87 -50.52 -15.67
C HIS A 357 19.72 -49.98 -14.85
N MET A 358 20.03 -49.15 -13.85
CA MET A 358 19.07 -48.52 -12.94
C MET A 358 18.99 -47.03 -13.26
N TYR A 359 17.85 -46.59 -13.82
CA TYR A 359 17.60 -45.21 -14.22
C TYR A 359 16.77 -44.52 -13.13
N GLY A 360 17.32 -43.44 -12.57
CA GLY A 360 16.64 -42.64 -11.55
C GLY A 360 17.66 -41.87 -10.72
N PHE A 361 17.20 -41.30 -9.60
CA PHE A 361 18.09 -40.56 -8.71
C PHE A 361 17.45 -40.55 -7.32
N GLY A 362 18.27 -40.29 -6.32
CA GLY A 362 17.75 -40.10 -4.97
C GLY A 362 18.80 -40.39 -3.92
N SER A 363 18.35 -40.34 -2.66
CA SER A 363 19.27 -40.33 -1.53
C SER A 363 19.97 -41.68 -1.34
N GLU A 364 19.48 -42.75 -1.96
CA GLU A 364 20.04 -44.08 -1.76
C GLU A 364 21.20 -44.40 -2.72
N SER A 365 21.59 -43.47 -3.59
CA SER A 365 22.65 -43.78 -4.56
C SER A 365 23.95 -44.18 -3.86
N LYS A 366 24.30 -43.50 -2.77
CA LYS A 366 25.55 -43.81 -2.08
C LYS A 366 25.62 -45.27 -1.69
N LYS A 367 24.59 -45.75 -0.99
CA LYS A 367 24.56 -47.13 -0.54
C LYS A 367 24.56 -48.11 -1.72
N LEU A 368 23.88 -47.76 -2.82
CA LEU A 368 23.85 -48.65 -3.97
C LEU A 368 25.25 -48.82 -4.55
N ASN A 369 26.01 -47.71 -4.66
CA ASN A 369 27.38 -47.80 -5.16
C ASN A 369 28.24 -48.65 -4.24
N GLU A 370 28.05 -48.51 -2.92
CA GLU A 370 28.83 -49.28 -1.95
C GLU A 370 28.58 -50.77 -2.13
N LEU A 371 27.30 -51.18 -2.26
CA LEU A 371 26.99 -52.60 -2.47
C LEU A 371 27.55 -53.07 -3.80
N ILE A 372 27.47 -52.25 -4.85
CA ILE A 372 28.00 -52.60 -6.17
C ILE A 372 29.49 -52.93 -6.04
N GLN A 373 30.23 -52.01 -5.43
CA GLN A 373 31.66 -52.18 -5.20
C GLN A 373 31.91 -53.38 -4.30
N LYS A 374 31.09 -53.53 -3.24
CA LYS A 374 31.23 -54.66 -2.30
C LYS A 374 31.15 -56.01 -3.02
N TYR A 375 30.25 -56.13 -3.99
CA TYR A 375 30.04 -57.41 -4.65
C TYR A 375 30.91 -57.58 -5.90
N GLY A 376 31.79 -56.63 -6.18
CA GLY A 376 32.54 -56.66 -7.43
C GLY A 376 31.67 -56.62 -8.68
N LEU A 377 30.64 -55.79 -8.70
CA LEU A 377 29.66 -55.82 -9.79
C LEU A 377 29.75 -54.59 -10.68
N GLU A 378 30.88 -53.85 -10.60
CA GLU A 378 31.02 -52.55 -11.27
C GLU A 378 30.91 -52.68 -12.80
N ASN A 379 31.16 -53.86 -13.38
CA ASN A 379 30.99 -54.05 -14.82
C ASN A 379 29.71 -54.83 -15.11
N HIS A 380 28.76 -54.76 -14.20
CA HIS A 380 27.52 -55.53 -14.29
C HIS A 380 26.32 -54.68 -13.87
N VAL A 381 26.50 -53.83 -12.86
CA VAL A 381 25.43 -52.99 -12.35
C VAL A 381 25.80 -51.53 -12.50
N TYR A 382 24.95 -50.78 -13.21
CA TYR A 382 25.14 -49.37 -13.52
C TYR A 382 24.04 -48.47 -12.95
N LEU A 383 24.45 -47.44 -12.19
CA LEU A 383 23.51 -46.39 -11.73
C LEU A 383 23.50 -45.30 -12.76
N ARG A 384 22.49 -45.28 -13.63
CA ARG A 384 22.55 -44.49 -14.85
C ARG A 384 22.03 -43.07 -14.69
N GLY A 385 21.52 -42.70 -13.52
CA GLY A 385 21.00 -41.35 -13.25
C GLY A 385 19.62 -41.08 -13.82
N ASN A 389 14.93 -39.01 -21.64
CA ASN A 389 14.49 -39.94 -22.68
C ASN A 389 15.14 -41.28 -22.57
N LEU A 390 14.28 -42.31 -22.50
CA LEU A 390 14.72 -43.67 -22.39
C LEU A 390 14.47 -44.54 -23.63
N ASP A 391 14.17 -43.92 -24.77
CA ASP A 391 13.76 -44.67 -25.96
C ASP A 391 14.85 -45.58 -26.51
N GLN A 392 16.11 -45.09 -26.55
CA GLN A 392 17.18 -45.93 -27.05
C GLN A 392 17.53 -47.01 -26.03
N GLU A 393 17.30 -46.71 -24.74
CA GLU A 393 17.62 -47.61 -23.65
C GLU A 393 16.74 -48.85 -23.65
N TYR A 394 15.53 -48.75 -24.24
CA TYR A 394 14.58 -49.85 -24.24
C TYR A 394 14.86 -50.89 -25.33
N SER A 395 15.41 -50.47 -26.47
CA SER A 395 15.39 -51.32 -27.66
C SER A 395 16.13 -52.63 -27.41
N ASP A 396 17.12 -52.64 -26.53
CA ASP A 396 17.85 -53.88 -26.27
C ASP A 396 17.58 -54.44 -24.86
N ALA A 397 16.53 -53.96 -24.19
CA ALA A 397 16.23 -54.43 -22.84
C ALA A 397 15.54 -55.81 -22.86
N TYR A 398 16.12 -56.74 -22.12
CA TYR A 398 15.57 -58.10 -22.02
C TYR A 398 14.35 -58.15 -21.10
N LEU A 399 14.42 -57.45 -19.96
CA LEU A 399 13.44 -57.53 -18.87
C LEU A 399 13.56 -56.31 -17.95
N SER A 400 12.43 -55.86 -17.40
CA SER A 400 12.38 -54.84 -16.35
C SER A 400 12.17 -55.53 -15.02
N LEU A 401 12.65 -54.89 -13.97
CA LEU A 401 12.55 -55.39 -12.61
C LEU A 401 11.83 -54.35 -11.74
N ILE A 402 10.91 -54.83 -10.91
CA ILE A 402 10.35 -54.01 -9.84
C ILE A 402 10.40 -54.80 -8.54
N THR A 403 11.09 -54.25 -7.53
CA THR A 403 11.21 -54.88 -6.22
C THR A 403 10.69 -53.95 -5.12
N SER A 404 9.82 -53.01 -5.46
CA SER A 404 9.30 -52.05 -4.46
C SER A 404 8.40 -52.72 -3.45
N ASN A 405 8.21 -52.07 -2.30
CA ASN A 405 7.23 -52.51 -1.32
C ASN A 405 5.91 -51.74 -1.43
N MET A 406 5.89 -50.64 -2.17
CA MET A 406 4.65 -49.94 -2.51
C MET A 406 4.85 -49.23 -3.84
N GLU A 407 3.76 -49.03 -4.57
CA GLU A 407 3.88 -48.50 -5.93
C GLU A 407 2.71 -47.60 -6.22
N GLY A 408 2.81 -46.91 -7.39
CA GLY A 408 1.66 -46.30 -8.04
C GLY A 408 1.67 -46.58 -9.52
N PHE A 409 0.57 -46.27 -10.16
CA PHE A 409 0.47 -46.45 -11.62
C PHE A 409 1.67 -45.79 -12.29
N SER A 410 2.40 -46.54 -13.13
CA SER A 410 3.72 -46.12 -13.61
C SER A 410 3.65 -45.88 -15.13
N LEU A 411 3.64 -44.60 -15.52
CA LEU A 411 3.81 -44.23 -16.93
C LEU A 411 5.13 -44.78 -17.46
N ALA A 412 6.18 -44.85 -16.61
CA ALA A 412 7.45 -45.42 -17.06
C ALA A 412 7.25 -46.86 -17.51
N LEU A 413 6.56 -47.66 -16.69
CA LEU A 413 6.31 -49.06 -17.04
C LEU A 413 5.44 -49.16 -18.29
N LEU A 414 4.38 -48.36 -18.34
CA LEU A 414 3.60 -48.31 -19.58
C LEU A 414 4.51 -48.17 -20.80
N GLU A 415 5.41 -47.16 -20.76
CA GLU A 415 6.29 -46.87 -21.90
C GLU A 415 7.21 -48.05 -22.25
N SER A 416 7.89 -48.68 -21.26
CA SER A 416 8.73 -49.83 -21.57
C SER A 416 7.89 -50.98 -22.12
N LEU A 417 6.63 -51.11 -21.69
CA LEU A 417 5.79 -52.15 -22.27
C LEU A 417 5.48 -51.85 -23.75
N ALA A 418 5.28 -50.57 -24.10
CA ALA A 418 5.06 -50.18 -25.50
C ALA A 418 6.28 -50.52 -26.35
N HIS A 419 7.43 -50.62 -25.72
CA HIS A 419 8.67 -50.91 -26.42
C HIS A 419 8.97 -52.39 -26.39
N GLY A 420 8.02 -53.18 -25.88
CA GLY A 420 8.10 -54.63 -25.93
C GLY A 420 8.92 -55.24 -24.82
N VAL A 421 9.17 -54.50 -23.76
CA VAL A 421 10.05 -54.98 -22.68
C VAL A 421 9.20 -55.62 -21.60
N PRO A 422 9.28 -56.97 -21.36
CA PRO A 422 8.49 -57.64 -20.31
C PRO A 422 8.98 -57.31 -18.90
N VAL A 423 8.35 -57.77 -17.82
CA VAL A 423 8.69 -57.31 -16.48
C VAL A 423 8.35 -58.37 -15.44
N ILE A 424 9.15 -58.40 -14.39
CA ILE A 424 8.90 -59.22 -13.22
C ILE A 424 8.87 -58.26 -12.03
N SER A 425 7.76 -58.27 -11.31
CA SER A 425 7.48 -57.29 -10.28
C SER A 425 6.93 -57.99 -9.04
N TYR A 426 7.30 -57.49 -7.86
CA TYR A 426 6.54 -57.87 -6.68
C TYR A 426 5.09 -57.45 -6.87
N ASP A 427 4.20 -58.27 -6.33
CA ASP A 427 2.75 -58.04 -6.28
C ASP A 427 2.41 -57.12 -5.14
N ILE A 428 2.54 -55.83 -5.38
CA ILE A 428 2.25 -54.81 -4.37
C ILE A 428 1.34 -53.76 -4.98
N LYS A 429 0.56 -53.09 -4.12
CA LYS A 429 -0.39 -52.07 -4.59
C LYS A 429 0.35 -50.75 -4.73
N TYR A 430 -0.02 -49.90 -5.70
CA TYR A 430 -0.89 -50.14 -6.84
C TYR A 430 -0.12 -49.94 -8.14
N GLY A 431 -0.55 -50.54 -9.23
CA GLY A 431 0.12 -50.33 -10.50
C GLY A 431 0.63 -51.61 -11.16
N PRO A 432 1.38 -52.43 -10.43
CA PRO A 432 1.84 -53.71 -11.02
C PRO A 432 0.74 -54.61 -11.51
N ASN A 433 -0.31 -54.78 -10.72
CA ASN A 433 -1.43 -55.63 -11.16
C ASN A 433 -2.16 -55.01 -12.32
N GLU A 434 -2.10 -53.69 -12.44
CA GLU A 434 -2.80 -53.05 -13.56
C GLU A 434 -2.13 -53.36 -14.90
N LEU A 435 -0.80 -53.39 -14.94
CA LEU A 435 -0.04 -53.41 -16.18
C LEU A 435 0.65 -54.75 -16.41
N ILE A 436 0.50 -55.70 -15.49
CA ILE A 436 1.14 -57.02 -15.60
C ILE A 436 0.10 -58.13 -15.41
N THR A 437 -0.04 -58.98 -16.43
CA THR A 437 -0.83 -60.22 -16.38
C THR A 437 0.17 -61.37 -16.40
N SER A 438 0.22 -62.17 -15.32
CA SER A 438 1.16 -63.26 -15.23
C SER A 438 1.14 -64.18 -16.46
N ASP A 439 2.33 -64.47 -17.00
CA ASP A 439 2.59 -65.35 -18.14
C ASP A 439 2.09 -64.74 -19.45
N PHE A 440 1.70 -63.47 -19.45
CA PHE A 440 1.28 -62.78 -20.66
C PHE A 440 2.32 -61.73 -21.03
N ASN A 441 2.58 -60.74 -20.16
CA ASN A 441 3.60 -59.74 -20.38
C ASN A 441 4.62 -59.72 -19.23
N GLY A 442 4.57 -60.69 -18.32
CA GLY A 442 5.52 -60.70 -17.21
C GLY A 442 5.06 -61.60 -16.08
N TYR A 443 5.67 -61.42 -14.91
CA TYR A 443 5.28 -62.21 -13.75
C TYR A 443 5.18 -61.38 -12.47
N LEU A 444 4.25 -61.76 -11.58
CA LEU A 444 4.09 -61.10 -10.30
C LEU A 444 4.58 -62.05 -9.22
N ILE A 445 5.41 -61.55 -8.29
CA ILE A 445 6.14 -62.33 -7.29
C ILE A 445 5.65 -61.91 -5.89
N THR A 446 5.42 -62.89 -5.00
CA THR A 446 5.07 -62.54 -3.62
C THR A 446 6.03 -61.50 -3.12
N LYS A 447 5.49 -60.46 -2.49
CA LYS A 447 6.31 -59.35 -2.02
C LYS A 447 7.47 -59.83 -1.14
N ASN A 448 8.70 -59.35 -1.43
CA ASN A 448 9.94 -59.58 -0.68
C ASN A 448 10.44 -61.03 -0.74
N ASP A 449 9.91 -61.85 -1.66
CA ASP A 449 10.38 -63.22 -1.88
C ASP A 449 11.47 -63.19 -2.95
N GLU A 450 12.70 -62.87 -2.50
CA GLU A 450 13.86 -62.74 -3.38
C GLU A 450 14.24 -64.06 -4.03
N ASP A 451 13.96 -65.20 -3.36
CA ASP A 451 14.22 -66.50 -3.99
C ASP A 451 13.28 -66.74 -5.16
N ALA A 452 12.00 -66.46 -4.97
CA ALA A 452 11.08 -66.60 -6.10
C ALA A 452 11.44 -65.61 -7.19
N LEU A 453 11.95 -64.41 -6.80
CA LEU A 453 12.35 -63.39 -7.78
C LEU A 453 13.50 -63.91 -8.65
N PHE A 454 14.55 -64.39 -8.02
CA PHE A 454 15.66 -65.06 -8.71
C PHE A 454 15.15 -66.17 -9.63
N ASP A 455 14.35 -67.10 -9.09
CA ASP A 455 13.92 -68.25 -9.87
C ASP A 455 13.22 -67.84 -11.15
N LYS A 456 12.31 -66.86 -11.03
CA LYS A 456 11.54 -66.42 -12.20
C LYS A 456 12.41 -65.65 -13.18
N VAL A 457 13.37 -64.87 -12.66
CA VAL A 457 14.21 -64.08 -13.53
C VAL A 457 15.12 -65.02 -14.32
N LYS A 458 15.72 -65.99 -13.61
CA LYS A 458 16.53 -67.03 -14.26
C LYS A 458 15.74 -67.83 -15.31
N TYR A 459 14.46 -68.12 -15.05
CA TYR A 459 13.67 -68.92 -15.99
C TYR A 459 13.44 -68.16 -17.30
N VAL A 460 13.29 -66.82 -17.24
CA VAL A 460 13.09 -66.05 -18.47
C VAL A 460 14.42 -65.90 -19.21
N ILE A 461 15.52 -65.82 -18.46
CA ILE A 461 16.85 -65.73 -19.09
C ILE A 461 17.21 -67.05 -19.77
N ASP A 462 16.91 -68.16 -19.11
CA ASP A 462 17.13 -69.49 -19.68
C ASP A 462 16.11 -69.87 -20.72
N HIS A 463 15.12 -69.05 -21.03
CA HIS A 463 14.16 -69.41 -22.08
C HIS A 463 13.78 -68.24 -22.95
N PRO A 464 14.64 -67.87 -23.91
CA PRO A 464 14.43 -66.66 -24.71
C PRO A 464 13.10 -66.66 -25.46
N GLU A 465 12.63 -67.85 -25.85
CA GLU A 465 11.33 -67.98 -26.49
C GLU A 465 10.23 -67.59 -25.52
N VAL A 466 10.50 -67.71 -24.21
CA VAL A 466 9.52 -67.25 -23.19
C VAL A 466 9.59 -65.72 -23.09
N GLN A 467 10.79 -65.16 -23.08
CA GLN A 467 10.96 -63.72 -23.10
C GLN A 467 10.21 -63.12 -24.31
N GLN A 468 10.18 -63.86 -25.45
CA GLN A 468 9.62 -63.30 -26.68
C GLN A 468 8.10 -63.19 -26.64
N ARG A 469 7.43 -64.28 -26.21
CA ARG A 469 6.01 -64.29 -25.90
C ARG A 469 5.65 -63.19 -24.90
N LEU A 470 6.44 -63.06 -23.82
CA LEU A 470 6.19 -62.00 -22.86
C LEU A 470 6.36 -60.61 -23.47
N SER A 471 7.34 -60.47 -24.36
CA SER A 471 7.55 -59.20 -25.07
C SER A 471 6.34 -58.88 -25.96
N LYS A 472 5.86 -59.87 -26.73
CA LYS A 472 4.68 -59.67 -27.59
C LYS A 472 3.44 -59.35 -26.77
N GLY A 473 3.35 -59.92 -25.55
CA GLY A 473 2.25 -59.58 -24.62
C GLY A 473 2.39 -58.17 -24.04
N SER A 474 3.64 -57.72 -23.83
CA SER A 474 3.91 -56.34 -23.43
C SER A 474 3.41 -55.37 -24.50
N LEU A 475 3.73 -55.63 -25.77
CA LEU A 475 3.14 -54.83 -26.86
C LEU A 475 1.63 -54.83 -26.76
N ALA A 476 1.04 -56.00 -26.49
CA ALA A 476 -0.41 -56.09 -26.53
C ALA A 476 -1.03 -55.36 -25.34
N LYS A 477 -0.43 -55.53 -24.15
CA LYS A 477 -0.86 -54.85 -22.93
C LYS A 477 -0.82 -53.32 -23.10
N ALA A 478 0.26 -52.78 -23.70
CA ALA A 478 0.37 -51.33 -23.86
C ALA A 478 -0.73 -50.79 -24.78
N GLN A 479 -1.13 -51.56 -25.79
CA GLN A 479 -2.13 -51.08 -26.76
C GLN A 479 -3.52 -51.00 -26.14
N GLN A 480 -3.76 -51.63 -24.99
CA GLN A 480 -5.03 -51.42 -24.29
C GLN A 480 -5.13 -50.02 -23.70
N TYR A 481 -3.99 -49.33 -23.54
CA TYR A 481 -3.91 -47.98 -22.99
C TYR A 481 -3.69 -46.93 -24.08
N SER A 482 -4.26 -47.15 -25.27
CA SER A 482 -4.09 -46.19 -26.36
C SER A 482 -4.76 -44.84 -26.05
N LYS A 483 -4.24 -43.79 -26.70
CA LYS A 483 -4.95 -42.50 -26.72
C LYS A 483 -6.46 -42.67 -26.96
N ALA A 484 -6.83 -43.48 -27.95
CA ALA A 484 -8.23 -43.51 -28.33
C ALA A 484 -9.06 -44.23 -27.26
N SER A 485 -8.44 -45.19 -26.52
CA SER A 485 -9.23 -45.84 -25.47
C SER A 485 -9.39 -44.89 -24.27
N LEU A 486 -8.33 -44.12 -23.92
CA LEU A 486 -8.46 -43.10 -22.88
C LEU A 486 -9.49 -42.06 -23.28
N ILE A 487 -9.41 -41.56 -24.52
CA ILE A 487 -10.42 -40.56 -24.92
C ILE A 487 -11.83 -41.07 -24.68
N LYS A 488 -12.09 -42.36 -24.99
CA LYS A 488 -13.43 -42.94 -24.87
C LYS A 488 -13.83 -43.11 -23.41
N GLN A 489 -12.88 -43.49 -22.54
CA GLN A 489 -13.19 -43.54 -21.10
C GLN A 489 -13.58 -42.16 -20.55
N TRP A 490 -12.76 -41.15 -20.82
CA TRP A 490 -13.02 -39.79 -20.36
C TRP A 490 -14.34 -39.28 -20.92
N ASP A 491 -14.59 -39.53 -22.22
CA ASP A 491 -15.81 -39.01 -22.84
C ASP A 491 -17.05 -39.59 -22.18
N GLN A 492 -17.06 -40.92 -21.99
CA GLN A 492 -18.18 -41.58 -21.34
C GLN A 492 -18.35 -41.09 -19.90
N PHE A 493 -17.24 -40.90 -19.21
CA PHE A 493 -17.35 -40.52 -17.79
C PHE A 493 -18.02 -39.14 -17.64
N VAL A 494 -17.53 -38.15 -18.39
CA VAL A 494 -18.10 -36.78 -18.30
C VAL A 494 -19.58 -36.76 -18.69
N ARG A 495 -19.94 -37.38 -19.83
CA ARG A 495 -21.34 -37.57 -20.24
C ARG A 495 -22.20 -38.07 -19.09
N LEU A 496 -21.82 -39.24 -18.53
CA LEU A 496 -22.55 -39.86 -17.43
C LEU A 496 -22.64 -38.95 -16.22
N ILE A 497 -21.50 -38.37 -15.80
CA ILE A 497 -21.46 -37.50 -14.61
C ILE A 497 -22.43 -36.33 -14.78
N LEU A 498 -22.48 -35.71 -15.97
CA LEU A 498 -23.32 -34.53 -16.17
C LEU A 498 -24.79 -34.92 -16.25
N GLU A 499 -25.08 -36.08 -16.82
CA GLU A 499 -26.47 -36.56 -16.86
C GLU A 499 -27.03 -36.79 -15.46
N HIS A 500 -26.25 -37.42 -14.57
CA HIS A 500 -26.70 -37.67 -13.21
C HIS A 500 -26.86 -36.37 -12.43
N HIS A 501 -25.93 -35.43 -12.59
CA HIS A 501 -26.01 -34.14 -11.93
C HIS A 501 -27.19 -33.36 -12.53
N SER B 1 2.72 35.91 -14.76
CA SER B 1 3.51 35.75 -13.50
C SER B 1 2.61 35.62 -12.29
N MET B 2 3.02 34.79 -11.33
CA MET B 2 2.17 34.42 -10.21
C MET B 2 2.94 34.72 -8.92
N ASN B 3 2.21 35.15 -7.90
CA ASN B 3 2.76 35.41 -6.57
C ASN B 3 2.21 34.37 -5.61
N TYR B 4 3.09 33.67 -4.90
CA TYR B 4 2.70 32.57 -4.04
C TYR B 4 3.00 32.91 -2.58
N PHE B 5 2.00 32.82 -1.71
CA PHE B 5 2.11 33.05 -0.28
C PHE B 5 2.12 31.68 0.41
N VAL B 6 3.29 31.27 0.91
CA VAL B 6 3.53 29.91 1.39
C VAL B 6 3.42 29.87 2.90
N GLY B 7 2.36 29.22 3.40
CA GLY B 7 2.21 28.97 4.83
C GLY B 7 2.30 27.47 5.07
N ASN B 8 1.48 26.95 5.99
CA ASN B 8 1.43 25.51 6.24
C ASN B 8 0.04 24.96 5.94
N SER B 9 -0.98 25.37 6.69
CA SER B 9 -2.37 24.97 6.40
C SER B 9 -3.34 26.05 6.88
N LEU B 10 -4.60 25.65 7.06
CA LEU B 10 -5.69 26.49 7.57
C LEU B 10 -6.44 25.72 8.64
N GLY B 11 -6.50 26.26 9.87
CA GLY B 11 -7.25 25.62 10.94
C GLY B 11 -8.74 25.86 10.79
N VAL B 12 -9.52 25.29 11.72
CA VAL B 12 -10.92 25.72 11.86
C VAL B 12 -10.96 27.20 12.23
N ASN B 13 -10.17 27.56 13.24
CA ASN B 13 -9.97 28.97 13.63
C ASN B 13 -8.70 29.50 12.98
N LEU B 14 -8.88 30.29 11.93
CA LEU B 14 -7.78 30.89 11.19
C LEU B 14 -6.83 31.58 12.16
N THR B 15 -5.53 31.52 11.88
CA THR B 15 -4.52 32.20 12.69
C THR B 15 -4.10 33.50 12.00
N GLY B 16 -3.39 34.33 12.76
CA GLY B 16 -2.86 35.57 12.22
C GLY B 16 -2.18 35.39 10.89
N ILE B 17 -1.24 34.44 10.82
CA ILE B 17 -0.50 34.23 9.56
C ILE B 17 -1.48 33.88 8.44
N GLU B 18 -2.46 33.02 8.74
CA GLU B 18 -3.43 32.56 7.74
C GLU B 18 -4.29 33.72 7.22
N LYS B 19 -4.78 34.59 8.13
CA LYS B 19 -5.50 35.79 7.73
C LYS B 19 -4.59 36.69 6.90
N ALA B 20 -3.35 36.85 7.32
CA ALA B 20 -2.45 37.71 6.58
C ALA B 20 -2.20 37.18 5.19
N ILE B 21 -2.11 35.87 5.06
CA ILE B 21 -1.91 35.29 3.76
C ILE B 21 -3.14 35.54 2.89
N ILE B 22 -4.31 35.27 3.47
CA ILE B 22 -5.57 35.44 2.75
C ILE B 22 -5.82 36.92 2.40
N ASN B 23 -5.68 37.79 3.42
CA ASN B 23 -5.81 39.23 3.22
C ASN B 23 -4.91 39.67 2.08
N ARG B 24 -3.66 39.18 2.07
CA ARG B 24 -2.71 39.65 1.06
C ARG B 24 -3.13 39.17 -0.34
N LEU B 25 -3.83 38.02 -0.40
CA LEU B 25 -4.26 37.43 -1.68
C LEU B 25 -5.30 38.30 -2.35
N ASN B 26 -6.42 38.53 -1.67
CA ASN B 26 -7.43 39.53 -2.07
C ASN B 26 -6.82 40.80 -2.66
N LEU B 27 -5.80 41.38 -1.99
CA LEU B 27 -5.22 42.65 -2.44
C LEU B 27 -4.54 42.51 -3.80
N PHE B 28 -3.85 41.38 -4.01
CA PHE B 28 -3.16 41.14 -5.28
C PHE B 28 -4.17 41.00 -6.44
N LYS B 29 -5.31 40.35 -6.20
CA LYS B 29 -6.36 40.22 -7.21
C LYS B 29 -6.97 41.58 -7.56
N GLU B 30 -7.34 42.36 -6.52
CA GLU B 30 -7.83 43.72 -6.72
C GLU B 30 -6.96 44.50 -7.69
N MET B 31 -5.64 44.53 -7.47
CA MET B 31 -4.78 45.35 -8.32
C MET B 31 -4.45 44.68 -9.65
N GLY B 32 -4.99 43.49 -9.92
CA GLY B 32 -4.67 42.77 -11.15
C GLY B 32 -3.27 42.16 -11.16
N ARG B 33 -2.75 41.72 -10.00
CA ARG B 33 -1.61 40.81 -9.96
C ARG B 33 -2.10 39.42 -9.55
N PRO B 34 -1.82 38.38 -10.32
CA PRO B 34 -2.30 37.03 -9.92
C PRO B 34 -1.60 36.59 -8.64
N ALA B 35 -2.36 35.95 -7.73
CA ALA B 35 -1.80 35.40 -6.51
C ALA B 35 -2.56 34.15 -6.06
N GLN B 36 -1.83 33.30 -5.30
CA GLN B 36 -2.35 32.06 -4.73
C GLN B 36 -1.61 31.79 -3.42
N CYS B 37 -2.37 31.30 -2.52
CA CYS B 37 -1.77 30.69 -1.34
C CYS B 37 -1.23 29.28 -1.59
N VAL B 38 -0.16 28.98 -0.85
CA VAL B 38 0.48 27.68 -1.02
C VAL B 38 0.54 27.04 0.35
N PHE B 39 -0.02 25.84 0.44
CA PHE B 39 -0.07 25.09 1.70
C PHE B 39 0.74 23.80 1.56
N LEU B 40 1.21 23.29 2.71
CA LEU B 40 2.19 22.21 2.70
C LEU B 40 1.65 20.93 3.33
N SER B 41 1.22 21.00 4.60
CA SER B 41 0.85 19.81 5.36
C SER B 41 -0.33 19.12 4.69
N TRP B 42 -0.34 17.78 4.81
CA TRP B 42 -1.48 16.98 4.39
C TRP B 42 -2.66 17.35 5.26
N ASN B 43 -3.75 17.82 4.66
CA ASN B 43 -4.93 18.21 5.49
C ASN B 43 -6.20 17.91 4.71
N ARG B 44 -6.81 16.75 4.98
CA ARG B 44 -7.98 16.28 4.24
C ARG B 44 -9.23 17.11 4.54
N TYR B 45 -9.12 18.05 5.49
CA TYR B 45 -10.18 19.02 5.81
C TYR B 45 -9.94 20.39 5.18
N LEU B 46 -8.81 20.57 4.49
CA LEU B 46 -8.41 21.90 4.02
C LEU B 46 -9.54 22.60 3.30
N TYR B 47 -10.17 21.90 2.33
CA TYR B 47 -11.16 22.53 1.48
C TYR B 47 -12.34 23.07 2.28
N ARG B 48 -12.60 22.44 3.44
CA ARG B 48 -13.65 22.85 4.35
C ARG B 48 -13.26 24.12 5.10
N ASN B 49 -12.06 24.12 5.70
CA ASN B 49 -11.52 25.32 6.35
C ASN B 49 -11.37 26.47 5.37
N ALA B 50 -11.17 26.19 4.09
CA ALA B 50 -10.92 27.25 3.14
C ALA B 50 -12.20 27.95 2.69
N GLN B 51 -13.31 27.19 2.72
CA GLN B 51 -14.53 27.48 1.97
C GLN B 51 -15.03 28.90 2.28
N ASN B 52 -15.06 29.29 3.55
CA ASN B 52 -15.63 30.60 3.89
C ASN B 52 -14.61 31.72 3.78
N TYR B 53 -13.53 31.53 3.01
CA TYR B 53 -12.44 32.50 3.04
C TYR B 53 -11.81 32.73 1.67
N ILE B 54 -11.54 31.65 0.93
CA ILE B 54 -11.00 31.74 -0.43
C ILE B 54 -11.59 30.65 -1.30
N THR B 55 -11.41 30.78 -2.62
CA THR B 55 -11.88 29.77 -3.56
C THR B 55 -10.77 28.76 -3.81
N SER B 56 -11.18 27.58 -4.31
CA SER B 56 -10.24 26.48 -4.55
C SER B 56 -9.20 26.85 -5.60
N SER B 57 -9.55 27.74 -6.54
CA SER B 57 -8.60 28.21 -7.54
C SER B 57 -7.60 29.22 -6.96
N ASP B 58 -7.70 29.54 -5.68
CA ASP B 58 -6.85 30.53 -5.04
C ASP B 58 -5.76 29.91 -4.18
N TYR B 59 -5.62 28.59 -4.19
CA TYR B 59 -4.64 27.94 -3.34
C TYR B 59 -4.18 26.62 -3.95
N ILE B 60 -2.93 26.26 -3.67
CA ILE B 60 -2.34 24.97 -4.06
C ILE B 60 -1.75 24.31 -2.81
N ASN B 61 -2.29 23.16 -2.43
CA ASN B 61 -1.77 22.39 -1.30
C ASN B 61 -0.82 21.34 -1.88
N MET B 62 0.33 21.16 -1.22
CA MET B 62 1.35 20.21 -1.71
C MET B 62 0.81 18.80 -1.98
N TYR B 63 0.08 18.22 -1.03
CA TYR B 63 -0.53 16.88 -1.20
C TYR B 63 -1.61 16.90 -2.26
N ASP B 64 -2.48 17.92 -2.27
CA ASP B 64 -3.44 18.04 -3.36
C ASP B 64 -2.74 17.99 -4.72
N PHE B 65 -1.61 18.70 -4.84
CA PHE B 65 -0.93 18.86 -6.12
C PHE B 65 -0.49 17.50 -6.66
N PHE B 66 0.18 16.72 -5.82
CA PHE B 66 0.62 15.38 -6.24
C PHE B 66 -0.50 14.35 -6.28
N GLN B 67 -1.59 14.56 -5.53
CA GLN B 67 -2.78 13.71 -5.61
C GLN B 67 -3.72 14.18 -6.72
N GLU B 68 -3.30 15.15 -7.53
CA GLU B 68 -4.11 15.60 -8.67
C GLU B 68 -5.49 16.05 -8.20
N ALA B 69 -5.55 16.63 -7.01
CA ALA B 69 -6.81 17.17 -6.52
C ALA B 69 -6.75 18.67 -6.21
N THR B 70 -5.91 19.45 -6.89
CA THR B 70 -5.93 20.90 -6.72
C THR B 70 -7.04 21.49 -7.57
N TYR B 71 -7.65 22.56 -7.04
CA TYR B 71 -8.76 23.21 -7.72
C TYR B 71 -10.00 22.31 -7.75
N LEU B 72 -9.89 21.07 -7.26
CA LEU B 72 -11.05 20.17 -7.22
C LEU B 72 -11.93 20.52 -6.03
N GLU B 73 -13.26 20.51 -6.25
CA GLU B 73 -14.28 20.86 -5.27
C GLU B 73 -15.01 19.59 -4.83
N ARG B 74 -16.00 19.76 -3.93
CA ARG B 74 -16.74 18.64 -3.36
C ARG B 74 -17.41 17.80 -4.44
N ASN B 75 -17.27 16.47 -4.32
CA ASN B 75 -18.07 15.52 -5.09
C ASN B 75 -19.53 15.61 -4.66
N GLU B 76 -20.44 15.30 -5.61
CA GLU B 76 -21.87 15.14 -5.28
C GLU B 76 -22.00 14.10 -4.18
N PRO B 77 -22.85 14.34 -3.16
CA PRO B 77 -22.83 13.50 -1.94
C PRO B 77 -23.00 12.02 -2.29
N PHE B 78 -22.47 11.15 -1.43
CA PHE B 78 -22.49 9.72 -1.69
C PHE B 78 -23.16 8.99 -0.54
N ASP B 79 -24.05 8.05 -0.88
CA ASP B 79 -24.80 7.25 0.08
C ASP B 79 -23.90 6.06 0.39
N TRP B 80 -23.03 6.21 1.39
CA TRP B 80 -22.17 5.11 1.81
C TRP B 80 -22.95 4.02 2.55
N LEU B 81 -23.98 4.42 3.30
CA LEU B 81 -24.74 3.46 4.07
C LEU B 81 -25.65 2.62 3.20
N SER B 82 -26.14 3.20 2.09
CA SER B 82 -26.89 2.44 1.11
C SER B 82 -26.01 1.50 0.30
N TYR B 83 -24.83 1.98 -0.13
CA TYR B 83 -23.91 1.16 -0.92
C TYR B 83 -23.47 -0.07 -0.11
N TRP B 84 -23.28 0.09 1.20
CA TRP B 84 -22.83 -1.03 2.04
C TRP B 84 -23.94 -2.06 2.23
N THR B 85 -25.21 -1.62 2.27
CA THR B 85 -26.34 -2.52 2.51
C THR B 85 -26.95 -3.02 1.20
N ASP B 86 -27.23 -2.11 0.25
CA ASP B 86 -27.93 -2.47 -0.98
C ASP B 86 -27.00 -3.03 -2.05
N GLU B 87 -25.70 -2.74 -2.02
CA GLU B 87 -24.77 -3.27 -3.04
C GLU B 87 -23.81 -4.31 -2.49
N CYS B 88 -23.46 -4.22 -1.21
CA CYS B 88 -22.47 -5.09 -0.59
C CYS B 88 -23.07 -5.98 0.46
N HIS B 89 -24.34 -5.75 0.81
CA HIS B 89 -25.09 -6.67 1.67
C HIS B 89 -24.38 -6.85 3.00
N TYR B 90 -23.75 -5.78 3.51
CA TYR B 90 -23.12 -5.82 4.83
C TYR B 90 -24.13 -5.47 5.89
N THR B 91 -23.74 -5.63 7.16
CA THR B 91 -24.60 -5.39 8.32
C THR B 91 -23.98 -4.35 9.25
N LEU B 92 -24.76 -3.29 9.57
CA LEU B 92 -24.29 -2.08 10.26
C LEU B 92 -24.86 -2.03 11.66
N LYS B 93 -24.02 -2.01 12.69
CA LYS B 93 -24.46 -1.93 14.08
C LYS B 93 -24.01 -0.60 14.70
N HIS B 94 -24.87 0.43 14.61
CA HIS B 94 -24.57 1.76 15.14
C HIS B 94 -24.07 1.73 16.57
N HIS B 99 -22.04 8.98 15.51
CA HIS B 99 -22.04 8.92 14.05
C HIS B 99 -21.11 7.82 13.49
N ASP B 100 -21.04 6.70 14.23
CA ASP B 100 -20.19 5.56 13.91
C ASP B 100 -21.06 4.35 13.59
N PHE B 101 -20.59 3.52 12.66
CA PHE B 101 -21.20 2.24 12.33
C PHE B 101 -20.13 1.15 12.43
N ARG B 102 -20.55 -0.06 12.81
CA ARG B 102 -19.69 -1.25 12.74
C ARG B 102 -20.20 -2.11 11.59
N ILE B 103 -19.30 -2.47 10.65
CA ILE B 103 -19.68 -3.17 9.41
C ILE B 103 -19.26 -4.63 9.52
N TYR B 104 -20.23 -5.51 9.28
CA TYR B 104 -20.16 -6.95 9.43
C TYR B 104 -20.54 -7.52 8.07
N ASP B 105 -19.85 -8.55 7.63
CA ASP B 105 -20.39 -9.43 6.59
C ASP B 105 -21.01 -10.61 7.34
N GLN B 106 -22.35 -10.65 7.41
CA GLN B 106 -23.02 -11.73 8.15
C GLN B 106 -22.48 -11.65 9.58
N GLU B 107 -21.88 -12.71 10.09
CA GLU B 107 -21.35 -12.69 11.45
C GLU B 107 -19.96 -12.02 11.56
N ARG B 108 -19.36 -11.57 10.45
CA ARG B 108 -17.94 -11.25 10.45
C ARG B 108 -17.71 -9.76 10.57
N PHE B 109 -16.95 -9.38 11.60
CA PHE B 109 -16.60 -7.98 11.79
C PHE B 109 -15.52 -7.57 10.83
N LEU B 110 -15.84 -6.62 9.93
CA LEU B 110 -14.96 -6.13 8.88
C LEU B 110 -14.33 -4.76 9.21
N MET B 111 -15.15 -3.76 9.56
CA MET B 111 -14.74 -2.36 9.55
C MET B 111 -15.49 -1.52 10.58
N TYR B 112 -14.85 -0.40 10.98
CA TYR B 112 -15.33 0.63 11.91
C TYR B 112 -15.38 1.94 11.15
N ALA B 113 -16.58 2.41 10.80
CA ALA B 113 -16.74 3.66 10.04
C ALA B 113 -17.09 4.81 10.99
N HIS B 114 -16.65 6.02 10.62
CA HIS B 114 -16.85 7.25 11.39
C HIS B 114 -17.25 8.37 10.42
N PHE B 115 -18.41 8.96 10.63
CA PHE B 115 -18.88 10.02 9.77
C PHE B 115 -18.70 11.35 10.47
N GLN B 116 -19.01 12.42 9.73
CA GLN B 116 -19.09 13.78 10.27
C GLN B 116 -20.54 14.09 10.64
N ASP B 117 -21.39 14.15 9.63
CA ASP B 117 -22.75 14.64 9.78
C ASP B 117 -23.66 13.53 10.26
N PRO B 118 -24.78 13.89 10.91
CA PRO B 118 -25.83 12.91 11.23
C PRO B 118 -26.65 12.51 10.01
N LYS B 119 -26.50 13.22 8.89
CA LYS B 119 -27.04 12.84 7.59
C LYS B 119 -26.15 11.84 6.87
N TYR B 120 -24.93 11.59 7.41
CA TYR B 120 -24.03 10.52 6.97
C TYR B 120 -23.70 10.64 5.47
N ARG B 121 -23.64 11.88 4.96
CA ARG B 121 -23.32 12.18 3.57
C ARG B 121 -21.84 12.46 3.35
N ILE B 122 -21.05 12.53 4.43
CA ILE B 122 -19.63 12.88 4.41
C ILE B 122 -18.81 11.91 5.29
N LEU B 123 -18.28 10.85 4.68
CA LEU B 123 -17.48 9.88 5.41
C LEU B 123 -16.15 10.53 5.85
N ASP B 124 -15.67 10.13 7.04
CA ASP B 124 -14.43 10.61 7.65
C ASP B 124 -13.35 9.54 7.56
N TYR B 125 -13.52 8.40 8.24
CA TYR B 125 -12.53 7.32 8.21
C TYR B 125 -13.18 5.96 8.38
N VAL B 126 -12.44 4.92 7.97
CA VAL B 126 -12.89 3.52 8.06
C VAL B 126 -11.69 2.68 8.47
N ASN B 127 -11.77 2.05 9.64
CA ASN B 127 -10.76 1.12 10.09
C ASN B 127 -11.09 -0.29 9.62
N HIS B 128 -10.06 -1.04 9.23
CA HIS B 128 -10.18 -2.38 8.67
C HIS B 128 -9.51 -3.36 9.60
N PHE B 129 -10.12 -4.55 9.79
CA PHE B 129 -9.68 -5.51 10.80
C PHE B 129 -9.48 -6.88 10.16
N ASP B 130 -8.55 -7.63 10.69
CA ASP B 130 -8.24 -8.94 10.15
C ASP B 130 -8.99 -10.00 10.94
N SER B 131 -8.66 -11.29 10.68
CA SER B 131 -9.39 -12.38 11.31
C SER B 131 -9.13 -12.50 12.81
N GLN B 132 -8.05 -11.94 13.32
CA GLN B 132 -7.77 -11.87 14.75
C GLN B 132 -8.28 -10.58 15.39
N ARG B 133 -9.04 -9.76 14.64
CA ARG B 133 -9.46 -8.43 15.06
C ARG B 133 -8.29 -7.43 15.18
N ARG B 134 -7.13 -7.73 14.61
CA ARG B 134 -6.06 -6.73 14.51
C ARG B 134 -6.44 -5.62 13.51
N LYS B 135 -6.25 -4.35 13.90
CA LYS B 135 -6.54 -3.21 13.02
C LYS B 135 -5.35 -3.03 12.07
N VAL B 136 -5.55 -3.31 10.77
CA VAL B 136 -4.41 -3.50 9.87
C VAL B 136 -4.21 -2.29 8.97
N LYS B 137 -5.30 -1.55 8.68
CA LYS B 137 -5.31 -0.44 7.74
C LYS B 137 -6.38 0.59 8.16
N ARG B 138 -6.04 1.88 8.06
CA ARG B 138 -7.01 2.95 8.26
C ARG B 138 -7.18 3.76 6.99
N ASP B 139 -8.41 3.93 6.52
CA ASP B 139 -8.75 4.70 5.35
C ASP B 139 -9.26 6.10 5.72
N PHE B 140 -8.55 7.14 5.30
CA PHE B 140 -8.87 8.53 5.65
C PHE B 140 -9.44 9.30 4.45
N TYR B 141 -10.68 9.74 4.57
CA TYR B 141 -11.41 10.36 3.45
C TYR B 141 -11.23 11.88 3.50
N ASP B 142 -11.21 12.51 2.32
CA ASP B 142 -11.15 13.95 2.16
C ASP B 142 -12.59 14.45 2.21
N VAL B 143 -12.77 15.68 2.73
CA VAL B 143 -14.10 16.24 2.95
C VAL B 143 -14.82 16.34 1.62
N ARG B 144 -14.08 16.40 0.52
CA ARG B 144 -14.63 16.47 -0.83
C ARG B 144 -15.18 15.13 -1.33
N GLY B 145 -14.86 14.02 -0.68
CA GLY B 145 -15.44 12.74 -1.11
C GLY B 145 -14.47 11.59 -1.35
N PHE B 146 -13.32 11.82 -2.00
CA PHE B 146 -12.41 10.76 -2.45
C PHE B 146 -11.58 10.26 -1.26
N LEU B 147 -11.21 8.97 -1.32
CA LEU B 147 -10.29 8.36 -0.35
C LEU B 147 -8.89 8.93 -0.60
N SER B 148 -8.28 9.50 0.44
CA SER B 148 -7.08 10.32 0.36
C SER B 148 -5.82 9.60 0.82
N CYS B 149 -5.88 8.92 1.96
CA CYS B 149 -4.71 8.24 2.50
C CYS B 149 -5.14 6.97 3.20
N SER B 150 -4.47 5.85 2.93
CA SER B 150 -4.59 4.68 3.77
C SER B 150 -3.31 4.49 4.58
N ARG B 151 -3.47 4.24 5.87
CA ARG B 151 -2.36 4.02 6.79
C ARG B 151 -2.26 2.55 7.21
N ILE B 152 -1.11 1.93 7.01
CA ILE B 152 -0.86 0.53 7.35
C ILE B 152 -0.23 0.49 8.73
N LEU B 153 -0.77 -0.38 9.60
CA LEU B 153 -0.41 -0.48 11.01
C LEU B 153 0.28 -1.80 11.31
N VAL B 154 1.14 -1.79 12.33
CA VAL B 154 1.88 -2.95 12.83
C VAL B 154 1.84 -2.88 14.35
N ASP B 155 2.36 -3.94 15.00
CA ASP B 155 2.54 -4.02 16.44
C ASP B 155 1.42 -3.36 17.23
N LYS B 156 1.75 -2.44 18.14
CA LYS B 156 0.70 -1.76 18.90
C LYS B 156 0.22 -0.47 18.21
N GLN B 157 -0.54 -0.70 17.13
CA GLN B 157 -1.13 0.36 16.32
C GLN B 157 -0.12 1.42 15.89
N GLN B 158 1.10 0.98 15.63
CA GLN B 158 2.16 1.88 15.19
C GLN B 158 2.05 2.06 13.68
N THR B 159 2.17 3.31 13.21
CA THR B 159 2.22 3.61 11.78
C THR B 159 3.48 3.04 11.15
N LEU B 160 3.30 2.25 10.10
CA LEU B 160 4.43 1.73 9.34
C LEU B 160 4.61 2.42 8.00
N CYS B 161 3.54 2.66 7.24
CA CYS B 161 3.65 3.36 5.97
C CYS B 161 2.28 3.91 5.63
N GLU B 162 2.24 4.85 4.69
CA GLU B 162 1.01 5.51 4.27
C GLU B 162 1.05 5.68 2.77
N PHE B 163 -0.10 5.54 2.16
CA PHE B 163 -0.28 5.62 0.73
C PHE B 163 -1.32 6.69 0.47
N PHE B 164 -1.02 7.60 -0.47
CA PHE B 164 -1.89 8.71 -0.82
C PHE B 164 -2.40 8.57 -2.26
N TYR B 165 -3.69 8.77 -2.42
CA TYR B 165 -4.35 8.47 -3.69
C TYR B 165 -4.84 9.72 -4.39
N ASN B 166 -5.00 9.64 -5.74
CA ASN B 166 -5.74 10.66 -6.48
C ASN B 166 -7.22 10.28 -6.36
N PRO B 167 -8.14 11.13 -6.86
CA PRO B 167 -9.58 10.86 -6.69
C PRO B 167 -10.02 9.54 -7.30
N GLU B 168 -9.43 9.15 -8.43
CA GLU B 168 -9.75 7.90 -9.13
C GLU B 168 -9.16 6.67 -8.47
N GLY B 169 -8.35 6.82 -7.41
CA GLY B 169 -7.80 5.69 -6.66
C GLY B 169 -6.38 5.28 -7.01
N ASP B 170 -5.71 5.93 -7.97
CA ASP B 170 -4.29 5.67 -8.21
C ASP B 170 -3.40 6.12 -7.03
N THR B 171 -2.35 5.32 -6.72
CA THR B 171 -1.32 5.72 -5.74
C THR B 171 -0.41 6.81 -6.31
N LYS B 172 -0.28 7.93 -5.58
CA LYS B 172 0.57 9.03 -6.02
C LYS B 172 1.71 9.32 -5.06
N LEU B 173 1.58 8.97 -3.79
CA LEU B 173 2.68 9.16 -2.87
C LEU B 173 2.66 7.98 -1.92
N GLU B 174 3.85 7.63 -1.45
CA GLU B 174 4.04 6.61 -0.43
C GLU B 174 4.98 7.19 0.60
N LYS B 175 4.69 6.94 1.88
CA LYS B 175 5.56 7.33 2.98
C LYS B 175 5.87 6.13 3.87
N TYR B 176 7.16 6.00 4.28
CA TYR B 176 7.67 4.91 5.12
C TYR B 176 8.27 5.46 6.40
N PHE B 177 7.95 4.81 7.52
CA PHE B 177 8.22 5.31 8.86
C PHE B 177 9.00 4.29 9.68
N SER B 178 9.78 4.81 10.64
CA SER B 178 10.42 4.05 11.71
C SER B 178 10.21 4.83 13.01
N TYR B 179 10.32 4.13 14.16
CA TYR B 179 10.21 4.79 15.49
C TYR B 179 11.59 4.91 16.13
N PRO B 184 7.53 8.06 15.60
CA PRO B 184 7.21 7.72 14.20
C PRO B 184 7.73 8.75 13.20
N GLU B 185 8.92 8.52 12.64
CA GLU B 185 9.57 9.50 11.78
C GLU B 185 9.62 8.99 10.34
N VAL B 186 9.38 9.89 9.38
CA VAL B 186 9.51 9.55 7.95
C VAL B 186 10.95 9.20 7.66
N GLN B 187 11.17 8.07 7.00
CA GLN B 187 12.48 7.70 6.47
C GLN B 187 12.49 7.68 4.94
N LYS B 188 11.32 7.73 4.31
CA LYS B 188 11.31 7.61 2.86
C LYS B 188 10.01 8.12 2.34
N ILE B 189 10.07 8.84 1.20
CA ILE B 189 8.89 9.31 0.53
C ILE B 189 9.08 8.99 -0.94
N ILE B 190 8.05 8.37 -1.51
CA ILE B 190 8.02 8.10 -2.94
C ILE B 190 6.88 8.90 -3.55
N VAL B 191 7.14 9.51 -4.71
CA VAL B 191 6.10 10.28 -5.38
C VAL B 191 6.04 9.81 -6.81
N TYR B 192 4.82 9.57 -7.31
CA TYR B 192 4.58 9.31 -8.72
C TYR B 192 4.06 10.55 -9.44
N TYR B 193 4.83 11.04 -10.39
CA TYR B 193 4.63 12.38 -10.95
C TYR B 193 5.28 12.41 -12.32
N ALA B 194 4.61 12.95 -13.33
CA ALA B 194 5.31 13.21 -14.59
C ALA B 194 5.77 11.89 -15.21
N ASN B 195 4.91 10.87 -15.09
CA ASN B 195 5.16 9.51 -15.58
C ASN B 195 6.42 8.88 -15.01
N LYS B 196 6.92 9.33 -13.87
CA LYS B 196 7.95 8.50 -13.23
C LYS B 196 7.85 8.59 -11.71
N GLN B 197 8.94 8.23 -11.04
CA GLN B 197 9.02 8.02 -9.59
C GLN B 197 10.12 8.90 -9.05
N TYR B 198 9.86 9.59 -7.94
CA TYR B 198 10.83 10.44 -7.27
C TYR B 198 10.97 9.99 -5.84
N PHE B 199 12.16 10.12 -5.31
CA PHE B 199 12.47 9.65 -3.97
C PHE B 199 13.00 10.80 -3.14
N PHE B 200 12.52 10.88 -1.90
CA PHE B 200 12.90 11.89 -0.96
C PHE B 200 13.06 11.20 0.39
N ASN B 201 13.85 11.83 1.25
CA ASN B 201 14.12 11.28 2.57
C ASN B 201 13.20 11.88 3.62
N ASN B 202 12.54 13.01 3.30
CA ASN B 202 11.77 13.71 4.32
C ASN B 202 10.89 14.74 3.66
N GLU B 203 10.00 15.34 4.48
CA GLU B 203 8.97 16.26 4.00
C GLU B 203 9.56 17.61 3.55
N THR B 204 10.69 18.02 4.10
CA THR B 204 11.36 19.23 3.63
C THR B 204 11.85 19.04 2.21
N GLU B 205 12.46 17.87 1.93
CA GLU B 205 12.88 17.59 0.56
C GLU B 205 11.69 17.58 -0.39
N LEU B 206 10.59 16.92 0.01
CA LEU B 206 9.38 16.90 -0.80
C LEU B 206 8.90 18.33 -1.08
N GLY B 207 8.83 19.14 -0.02
CA GLY B 207 8.44 20.52 -0.16
C GLY B 207 9.30 21.29 -1.12
N ALA B 208 10.65 21.13 -1.04
CA ALA B 208 11.54 21.78 -2.01
C ALA B 208 11.22 21.31 -3.43
N PHE B 209 10.92 20.01 -3.62
CA PHE B 209 10.56 19.52 -4.95
C PHE B 209 9.29 20.17 -5.47
N PHE B 210 8.25 20.22 -4.61
CA PHE B 210 7.01 20.91 -4.93
C PHE B 210 7.27 22.35 -5.40
N ILE B 211 8.11 23.10 -4.66
CA ILE B 211 8.36 24.51 -5.03
C ILE B 211 8.96 24.57 -6.42
N LYS B 212 9.87 23.64 -6.73
CA LYS B 212 10.48 23.65 -8.05
C LYS B 212 9.48 23.31 -9.15
N GLN B 213 8.46 22.48 -8.88
CA GLN B 213 7.49 22.23 -9.94
C GLN B 213 6.56 23.44 -10.13
N LEU B 214 6.25 24.14 -9.04
CA LEU B 214 5.37 25.29 -9.10
C LEU B 214 6.03 26.44 -9.87
N TYR B 215 7.32 26.65 -9.65
CA TYR B 215 7.96 27.84 -10.21
C TYR B 215 7.99 27.83 -11.73
N GLN B 216 7.61 28.96 -12.31
CA GLN B 216 7.76 29.32 -13.72
C GLN B 216 8.44 30.67 -13.79
N HIS B 217 9.39 30.84 -14.72
CA HIS B 217 10.15 32.09 -14.84
C HIS B 217 9.23 33.28 -14.71
N GLY B 218 9.49 34.11 -13.70
CA GLY B 218 8.71 35.32 -13.49
C GLY B 218 7.83 35.29 -12.26
N ASP B 219 7.69 34.15 -11.58
CA ASP B 219 6.88 34.10 -10.38
C ASP B 219 7.64 34.67 -9.17
N LEU B 220 6.93 34.91 -8.06
CA LEU B 220 7.58 35.32 -6.81
C LEU B 220 6.98 34.58 -5.64
N PHE B 221 7.84 34.09 -4.73
CA PHE B 221 7.40 33.35 -3.56
C PHE B 221 7.53 34.21 -2.31
N PHE B 222 6.63 34.01 -1.36
CA PHE B 222 6.74 34.60 -0.05
C PHE B 222 6.74 33.52 1.01
N SER B 223 7.68 33.66 1.95
CA SER B 223 7.88 32.69 3.01
C SER B 223 7.22 33.23 4.27
N ASP B 224 6.07 32.66 4.62
CA ASP B 224 5.17 33.21 5.62
C ASP B 224 5.15 32.41 6.90
N ARG B 225 5.29 31.10 6.81
CA ARG B 225 5.33 30.24 7.98
C ARG B 225 6.73 29.66 8.07
N ASN B 226 7.67 30.54 8.46
CA ASN B 226 9.10 30.37 8.22
C ASN B 226 9.65 29.12 8.88
N VAL B 227 9.03 28.68 9.98
CA VAL B 227 9.57 27.54 10.69
C VAL B 227 9.51 26.29 9.82
N TYR B 228 8.69 26.31 8.75
CA TYR B 228 8.49 25.22 7.82
C TYR B 228 8.96 25.58 6.43
N THR B 229 8.75 26.83 6.03
CA THR B 229 9.01 27.20 4.65
C THR B 229 10.45 27.61 4.44
N ALA B 230 11.18 28.07 5.47
CA ALA B 230 12.57 28.46 5.24
C ALA B 230 13.45 27.23 5.01
N PRO B 231 13.33 26.13 5.77
CA PRO B 231 14.08 24.90 5.44
C PRO B 231 13.79 24.44 4.02
N ILE B 232 12.54 24.57 3.56
CA ILE B 232 12.17 24.22 2.18
C ILE B 232 12.89 25.12 1.19
N PHE B 233 12.71 26.44 1.34
CA PHE B 233 13.38 27.36 0.43
C PHE B 233 14.89 27.19 0.48
N ASN B 234 15.46 26.81 1.64
CA ASN B 234 16.91 26.63 1.74
C ASN B 234 17.43 25.52 0.82
N LEU B 235 16.59 24.58 0.39
CA LEU B 235 16.98 23.51 -0.52
C LEU B 235 16.53 23.75 -1.96
N THR B 236 16.11 24.96 -2.30
CA THR B 236 15.71 25.34 -3.66
C THR B 236 16.77 26.28 -4.23
N PRO B 237 16.92 26.34 -5.57
CA PRO B 237 17.98 27.17 -6.16
C PRO B 237 17.67 28.66 -6.09
N GLU B 238 18.74 29.46 -6.19
CA GLU B 238 18.70 30.90 -5.98
C GLU B 238 18.03 31.58 -7.16
N SER B 239 17.86 30.87 -8.29
CA SER B 239 17.09 31.42 -9.41
C SER B 239 15.60 31.50 -9.08
N ILE B 240 15.14 30.85 -8.01
CA ILE B 240 13.74 30.97 -7.55
C ILE B 240 13.72 32.09 -6.53
N PRO B 241 13.16 33.25 -6.84
CA PRO B 241 13.13 34.34 -5.87
C PRO B 241 12.08 34.12 -4.79
N VAL B 242 12.46 34.40 -3.54
CA VAL B 242 11.57 34.30 -2.40
C VAL B 242 11.89 35.41 -1.40
N VAL B 243 10.84 35.95 -0.79
CA VAL B 243 10.88 37.02 0.22
C VAL B 243 10.38 36.43 1.52
N ALA B 244 11.10 36.68 2.62
CA ALA B 244 10.68 36.25 3.93
C ALA B 244 9.79 37.31 4.58
N VAL B 245 8.68 36.85 5.19
CA VAL B 245 7.73 37.72 5.88
C VAL B 245 7.72 37.39 7.35
N LEU B 246 8.03 38.38 8.19
CA LEU B 246 7.90 38.25 9.64
C LEU B 246 6.58 38.85 10.11
N HIS B 247 5.80 38.08 10.88
CA HIS B 247 4.50 38.49 11.43
C HIS B 247 4.59 38.75 12.94
N SER B 248 5.77 38.69 13.51
CA SER B 248 5.95 38.99 14.93
C SER B 248 7.32 39.61 15.14
N THR B 249 7.62 39.81 16.43
CA THR B 249 8.96 40.24 16.83
C THR B 249 9.98 39.20 16.43
N HIS B 250 11.15 39.67 15.97
CA HIS B 250 12.16 38.82 15.34
C HIS B 250 13.12 38.16 16.32
N ILE B 251 13.18 38.65 17.58
CA ILE B 251 14.12 38.19 18.59
C ILE B 251 13.32 37.80 19.83
N LYS B 252 13.90 36.88 20.62
CA LYS B 252 13.23 36.37 21.81
C LYS B 252 13.03 37.48 22.83
N ASN B 253 13.90 38.49 22.85
CA ASN B 253 13.89 39.53 23.88
C ASN B 253 14.07 40.89 23.21
N ILE B 254 12.99 41.66 23.11
CA ILE B 254 13.07 42.92 22.36
C ILE B 254 13.93 43.99 23.01
N ASP B 255 14.24 43.82 24.31
CA ASP B 255 15.05 44.81 25.01
C ASP B 255 16.55 44.58 24.84
N ALA B 256 16.95 43.44 24.24
CA ALA B 256 18.32 43.13 23.86
C ALA B 256 18.40 43.06 22.34
N LEU B 257 18.32 44.22 21.69
CA LEU B 257 18.22 44.26 20.23
C LEU B 257 19.45 43.64 19.56
N ASP B 258 20.65 43.95 20.07
CA ASP B 258 21.89 43.48 19.44
C ASP B 258 22.16 42.00 19.75
N SER B 259 21.70 41.52 20.92
CA SER B 259 22.25 40.33 21.55
C SER B 259 21.30 39.14 21.54
N SER B 260 20.01 39.41 21.54
CA SER B 260 19.00 38.38 21.65
C SER B 260 19.12 37.38 20.50
N PRO B 261 18.99 36.08 20.76
CA PRO B 261 18.85 35.15 19.65
C PRO B 261 17.55 35.43 18.93
N PHE B 262 17.56 35.14 17.64
CA PHE B 262 16.35 35.13 16.83
C PHE B 262 15.37 34.11 17.37
N LYS B 263 14.07 34.42 17.27
CA LYS B 263 13.07 33.41 17.62
C LYS B 263 13.42 32.12 16.90
N ASN B 264 13.12 30.98 17.55
CA ASN B 264 13.32 29.67 16.92
C ASN B 264 12.64 29.59 15.57
N VAL B 265 11.43 30.15 15.45
CA VAL B 265 10.69 30.05 14.18
C VAL B 265 11.41 30.76 13.05
N TYR B 266 12.25 31.75 13.35
CA TYR B 266 12.93 32.49 12.30
C TYR B 266 14.41 32.05 12.11
N LYS B 267 14.92 31.13 12.96
CA LYS B 267 16.35 30.76 12.91
C LYS B 267 16.83 30.40 11.51
N ALA B 268 16.16 29.42 10.87
CA ALA B 268 16.65 28.86 9.61
C ALA B 268 16.58 29.89 8.48
N MET B 269 15.76 30.93 8.62
CA MET B 269 15.73 32.01 7.63
C MET B 269 16.92 32.94 7.87
N PHE B 270 17.09 33.45 9.12
CA PHE B 270 18.19 34.37 9.44
C PHE B 270 19.56 33.73 9.23
N GLU B 271 19.67 32.40 9.32
CA GLU B 271 20.97 31.75 9.12
C GLU B 271 21.27 31.49 7.65
N ASN B 272 20.37 31.89 6.76
CA ASN B 272 20.61 31.80 5.32
C ASN B 272 20.01 33.01 4.62
N LEU B 273 20.41 34.21 5.09
CA LEU B 273 19.81 35.47 4.64
C LEU B 273 19.95 35.64 3.14
N SER B 274 21.09 35.17 2.57
CA SER B 274 21.44 35.45 1.18
C SER B 274 20.48 34.76 0.20
N ARG B 275 19.73 33.74 0.64
CA ARG B 275 18.70 33.05 -0.14
C ARG B 275 17.50 33.95 -0.43
N TYR B 276 17.26 34.96 0.41
CA TYR B 276 16.08 35.80 0.35
C TYR B 276 16.36 37.16 -0.28
N ARG B 277 15.47 37.58 -1.19
CA ARG B 277 15.56 38.87 -1.85
C ARG B 277 15.28 40.02 -0.87
N ALA B 278 14.50 39.78 0.19
CA ALA B 278 14.16 40.84 1.13
C ALA B 278 13.44 40.21 2.30
N ILE B 279 13.36 40.99 3.39
CA ILE B 279 12.46 40.73 4.50
C ILE B 279 11.36 41.78 4.55
N ILE B 280 10.11 41.34 4.77
CA ILE B 280 8.96 42.21 4.96
C ILE B 280 8.56 42.19 6.44
N VAL B 281 8.35 43.37 7.00
CA VAL B 281 7.81 43.52 8.35
C VAL B 281 6.67 44.52 8.26
N SER B 282 5.89 44.59 9.34
CA SER B 282 4.67 45.38 9.29
C SER B 282 4.88 46.85 9.69
N THR B 283 5.91 47.20 10.48
CA THR B 283 6.11 48.57 10.95
C THR B 283 7.50 49.12 10.60
N GLU B 284 7.55 50.45 10.35
CA GLU B 284 8.82 51.14 10.10
C GLU B 284 9.78 50.92 11.28
N GLN B 285 9.26 50.91 12.49
CA GLN B 285 10.08 50.71 13.68
C GLN B 285 10.77 49.36 13.61
N GLN B 286 10.01 48.30 13.25
CA GLN B 286 10.60 46.96 13.20
C GLN B 286 11.60 46.86 12.08
N LYS B 287 11.36 47.57 10.95
CA LYS B 287 12.29 47.55 9.84
C LYS B 287 13.64 48.13 10.25
N LEU B 288 13.64 49.17 11.10
CA LEU B 288 14.89 49.82 11.50
C LEU B 288 15.69 48.87 12.39
N ASP B 289 15.01 48.21 13.33
CA ASP B 289 15.67 47.23 14.20
C ASP B 289 16.25 46.07 13.38
N VAL B 290 15.45 45.52 12.46
CA VAL B 290 15.90 44.35 11.70
C VAL B 290 17.08 44.72 10.82
N GLU B 291 16.93 45.78 10.01
CA GLU B 291 18.01 46.35 9.21
C GLU B 291 19.32 46.44 10.00
N LYS B 292 19.28 47.05 11.18
CA LYS B 292 20.50 47.22 11.96
C LYS B 292 21.04 45.87 12.41
N ARG B 293 20.15 45.01 12.93
CA ARG B 293 20.55 43.68 13.41
C ARG B 293 21.26 42.88 12.32
N ILE B 294 20.80 42.92 11.07
CA ILE B 294 21.43 42.06 10.06
C ILE B 294 22.45 42.82 9.20
N ASN B 295 22.83 44.02 9.67
CA ASN B 295 23.85 44.82 9.01
C ASN B 295 23.51 45.03 7.54
N HIS B 296 22.22 45.23 7.26
CA HIS B 296 21.78 45.63 5.92
C HIS B 296 22.13 44.60 4.84
N THR B 297 22.33 43.33 5.24
CA THR B 297 22.77 42.29 4.30
C THR B 297 21.80 42.16 3.12
N ILE B 298 20.52 42.24 3.37
CA ILE B 298 19.48 42.24 2.32
C ILE B 298 18.46 43.30 2.67
N PRO B 299 17.69 43.80 1.68
CA PRO B 299 16.65 44.80 1.97
C PRO B 299 15.66 44.32 3.02
N VAL B 300 15.32 45.22 3.94
CA VAL B 300 14.16 45.11 4.81
C VAL B 300 13.16 46.19 4.42
N VAL B 301 11.85 45.82 4.34
CA VAL B 301 10.79 46.75 3.91
C VAL B 301 9.59 46.60 4.82
N ASN B 302 8.97 47.73 5.19
CA ASN B 302 7.77 47.71 6.01
C ASN B 302 6.54 47.91 5.12
N ILE B 303 5.63 46.94 5.18
CA ILE B 303 4.33 46.95 4.48
C ILE B 303 3.27 46.55 5.51
N PRO B 304 2.30 47.41 5.82
CA PRO B 304 1.29 47.06 6.84
C PRO B 304 0.56 45.77 6.49
N VAL B 305 0.02 45.11 7.54
CA VAL B 305 -0.63 43.81 7.37
C VAL B 305 -2.13 43.95 7.07
N GLY B 306 -2.64 45.17 6.96
CA GLY B 306 -4.01 45.37 6.57
C GLY B 306 -4.30 46.82 6.30
N TYR B 307 -5.58 47.13 6.17
CA TYR B 307 -5.99 48.43 5.70
C TYR B 307 -7.29 48.83 6.38
N SER B 308 -7.59 50.12 6.31
CA SER B 308 -8.84 50.64 6.84
C SER B 308 -9.89 50.54 5.75
N GLU B 309 -10.93 49.77 6.03
CA GLU B 309 -12.00 49.50 5.08
C GLU B 309 -12.93 50.71 5.08
N THR B 310 -13.62 50.95 3.95
CA THR B 310 -14.56 52.06 3.86
C THR B 310 -15.67 51.88 4.92
N ILE B 311 -16.05 52.96 5.57
CA ILE B 311 -17.03 52.83 6.66
C ILE B 311 -18.46 52.74 6.12
N ASP B 312 -19.25 51.82 6.72
CA ASP B 312 -20.64 51.59 6.34
C ASP B 312 -21.61 51.92 7.48
N THR B 313 -21.15 52.19 8.69
CA THR B 313 -22.01 52.30 9.85
C THR B 313 -21.92 53.69 10.45
N PRO B 314 -22.87 54.08 11.31
CA PRO B 314 -22.86 55.44 11.88
C PRO B 314 -21.70 55.60 12.84
N VAL B 315 -21.16 56.82 12.90
CA VAL B 315 -19.85 57.06 13.50
C VAL B 315 -19.98 58.16 14.54
N GLN B 316 -19.42 57.91 15.72
CA GLN B 316 -19.37 58.89 16.80
C GLN B 316 -20.76 59.43 17.12
N THR B 317 -21.69 58.52 17.37
CA THR B 317 -22.95 58.86 18.04
C THR B 317 -22.76 58.70 19.54
N LEU B 318 -22.26 59.74 20.20
CA LEU B 318 -21.87 59.63 21.62
C LEU B 318 -22.98 60.03 22.59
N SER B 322 -23.40 58.37 29.17
CA SER B 322 -22.50 57.23 29.28
C SER B 322 -21.21 57.33 28.44
N VAL B 323 -20.06 57.30 29.10
CA VAL B 323 -18.75 57.34 28.43
C VAL B 323 -18.27 55.91 28.24
N LYS B 324 -18.16 55.50 26.97
CA LYS B 324 -17.80 54.13 26.59
C LYS B 324 -16.34 54.07 26.16
N LEU B 325 -15.52 53.40 26.98
CA LEU B 325 -14.16 52.99 26.64
C LEU B 325 -14.10 51.54 26.18
N ILE B 326 -13.21 51.31 25.21
CA ILE B 326 -13.09 50.01 24.62
C ILE B 326 -11.67 49.53 24.56
N SER B 327 -11.63 48.23 24.69
CA SER B 327 -10.49 47.41 24.41
C SER B 327 -10.80 46.30 23.46
N VAL B 328 -9.99 46.23 22.42
CA VAL B 328 -10.06 45.15 21.44
C VAL B 328 -8.71 44.44 21.42
N ALA B 329 -8.69 43.28 22.11
CA ALA B 329 -7.45 42.65 22.51
C ALA B 329 -7.73 41.29 23.12
N ARG B 330 -6.90 40.33 22.72
CA ARG B 330 -6.97 39.00 23.30
C ARG B 330 -6.78 39.11 24.81
N TYR B 331 -7.39 38.19 25.56
CA TYR B 331 -7.33 38.20 27.02
C TYR B 331 -6.08 37.43 27.43
N SER B 332 -4.91 38.04 27.24
CA SER B 332 -3.62 37.38 27.46
C SER B 332 -2.71 38.22 28.33
N PRO B 333 -1.66 37.61 28.92
CA PRO B 333 -0.82 38.33 29.89
C PRO B 333 -0.17 39.58 29.31
N GLU B 334 0.26 39.53 28.04
CA GLU B 334 0.96 40.62 27.36
C GLU B 334 0.08 41.86 27.15
N LYS B 335 -1.25 41.70 27.17
CA LYS B 335 -2.15 42.85 26.99
C LYS B 335 -2.41 43.58 28.30
N GLN B 336 -1.98 43.01 29.43
CA GLN B 336 -2.09 43.61 30.76
C GLN B 336 -3.42 44.34 30.94
N LEU B 337 -4.51 43.56 30.76
CA LEU B 337 -5.84 44.14 30.72
C LEU B 337 -6.35 44.53 32.10
N HIS B 338 -5.82 43.90 33.16
CA HIS B 338 -6.20 44.31 34.52
C HIS B 338 -5.90 45.79 34.76
N GLN B 339 -4.83 46.32 34.15
CA GLN B 339 -4.50 47.74 34.28
C GLN B 339 -5.67 48.63 33.87
N GLN B 340 -6.53 48.17 32.95
CA GLN B 340 -7.66 48.98 32.49
C GLN B 340 -8.81 48.85 33.48
N ILE B 341 -8.93 47.71 34.14
CA ILE B 341 -9.92 47.58 35.19
C ILE B 341 -9.59 48.53 36.34
N GLU B 342 -8.30 48.60 36.68
CA GLU B 342 -7.80 49.49 37.73
C GLU B 342 -8.00 50.94 37.32
N LEU B 343 -7.76 51.24 36.03
CA LEU B 343 -8.02 52.60 35.53
C LEU B 343 -9.48 52.97 35.82
N ILE B 344 -10.39 52.02 35.59
CA ILE B 344 -11.81 52.28 35.79
C ILE B 344 -12.12 52.41 37.27
N LYS B 345 -11.49 51.58 38.12
CA LYS B 345 -11.60 51.74 39.57
C LYS B 345 -11.34 53.21 39.95
N ARG B 346 -10.22 53.77 39.48
CA ARG B 346 -9.89 55.18 39.74
C ARG B 346 -10.95 56.13 39.18
N LEU B 347 -11.36 55.93 37.90
CA LEU B 347 -12.11 56.95 37.18
C LEU B 347 -13.56 57.04 37.66
N VAL B 348 -14.12 55.92 38.12
CA VAL B 348 -15.55 55.84 38.36
C VAL B 348 -15.98 56.83 39.44
N SER B 349 -15.07 57.25 40.35
CA SER B 349 -15.43 58.28 41.33
C SER B 349 -15.58 59.66 40.69
N TYR B 350 -14.86 59.92 39.59
CA TYR B 350 -15.01 61.16 38.85
C TYR B 350 -16.05 61.01 37.72
N VAL B 351 -16.17 59.81 37.13
CA VAL B 351 -17.07 59.61 35.99
C VAL B 351 -18.06 58.49 36.29
N PRO B 352 -19.16 58.78 36.99
CA PRO B 352 -20.03 57.68 37.49
C PRO B 352 -20.67 56.83 36.40
N LYS B 353 -20.90 57.33 35.19
CA LYS B 353 -21.56 56.55 34.13
C LYS B 353 -20.55 55.99 33.11
N ILE B 354 -19.30 55.78 33.53
CA ILE B 354 -18.27 55.23 32.66
C ILE B 354 -18.47 53.71 32.49
N GLU B 355 -18.13 53.24 31.29
CA GLU B 355 -18.24 51.83 30.93
C GLU B 355 -16.98 51.44 30.15
N LEU B 356 -16.37 50.30 30.51
CA LEU B 356 -15.30 49.68 29.74
C LEU B 356 -15.76 48.34 29.16
N HIS B 357 -15.70 48.23 27.83
CA HIS B 357 -16.02 47.04 27.06
C HIS B 357 -14.72 46.53 26.47
N MET B 358 -14.43 45.26 26.78
CA MET B 358 -13.22 44.55 26.40
C MET B 358 -13.58 43.35 25.57
N TYR B 359 -13.22 43.41 24.31
CA TYR B 359 -13.54 42.44 23.28
C TYR B 359 -12.31 41.57 23.01
N GLY B 360 -12.41 40.29 23.36
CA GLY B 360 -11.37 39.31 23.09
C GLY B 360 -11.69 38.00 23.80
N PHE B 361 -10.74 37.05 23.74
CA PHE B 361 -10.86 35.76 24.44
C PHE B 361 -9.45 35.34 24.85
N GLY B 362 -9.35 34.38 25.81
CA GLY B 362 -8.08 33.76 26.15
C GLY B 362 -7.96 33.50 27.64
N SER B 363 -6.72 33.16 28.03
CA SER B 363 -6.46 32.54 29.33
C SER B 363 -6.92 33.40 30.50
N GLU B 364 -6.92 34.73 30.34
CA GLU B 364 -6.97 35.65 31.48
C GLU B 364 -8.38 35.97 31.96
N SER B 365 -9.38 35.30 31.38
CA SER B 365 -10.80 35.62 31.61
C SER B 365 -11.14 35.52 33.09
N LYS B 366 -10.86 34.36 33.71
CA LYS B 366 -11.28 34.13 35.09
C LYS B 366 -10.74 35.21 36.02
N LYS B 367 -9.44 35.53 35.89
CA LYS B 367 -8.80 36.49 36.79
C LYS B 367 -9.45 37.85 36.64
N LEU B 368 -9.61 38.30 35.37
CA LEU B 368 -10.22 39.59 35.05
C LEU B 368 -11.63 39.68 35.61
N ASN B 369 -12.41 38.62 35.38
CA ASN B 369 -13.78 38.57 35.88
C ASN B 369 -13.78 38.70 37.39
N GLU B 370 -12.73 38.18 38.04
CA GLU B 370 -12.67 38.20 39.50
C GLU B 370 -12.22 39.54 40.05
N LEU B 371 -11.35 40.22 39.31
CA LEU B 371 -11.02 41.58 39.64
C LEU B 371 -12.20 42.51 39.52
N ILE B 372 -13.09 42.25 38.56
CA ILE B 372 -14.25 43.11 38.37
C ILE B 372 -15.22 42.98 39.54
N GLN B 373 -15.60 41.72 39.87
CA GLN B 373 -16.51 41.44 40.99
C GLN B 373 -15.94 41.98 42.28
N LYS B 374 -14.61 41.85 42.44
CA LYS B 374 -13.93 42.28 43.67
C LYS B 374 -14.12 43.78 43.89
N TYR B 375 -14.08 44.57 42.82
CA TYR B 375 -14.17 46.02 42.95
C TYR B 375 -15.58 46.56 42.81
N GLY B 376 -16.58 45.69 42.73
CA GLY B 376 -17.96 46.15 42.48
C GLY B 376 -18.16 46.84 41.15
N LEU B 377 -17.42 46.43 40.12
CA LEU B 377 -17.41 47.12 38.83
C LEU B 377 -18.24 46.40 37.78
N GLU B 378 -19.19 45.55 38.19
CA GLU B 378 -19.93 44.71 37.24
C GLU B 378 -20.91 45.54 36.41
N ASN B 379 -21.23 46.78 36.83
CA ASN B 379 -22.02 47.69 36.02
C ASN B 379 -21.13 48.67 35.24
N HIS B 380 -19.81 48.47 35.24
CA HIS B 380 -18.89 49.38 34.59
C HIS B 380 -17.94 48.67 33.63
N VAL B 381 -17.52 47.44 33.92
CA VAL B 381 -16.55 46.73 33.09
C VAL B 381 -17.20 45.45 32.59
N TYR B 382 -17.19 45.23 31.26
CA TYR B 382 -17.79 44.04 30.65
C TYR B 382 -16.76 43.28 29.83
N LEU B 383 -16.54 42.01 30.17
CA LEU B 383 -15.78 41.08 29.35
C LEU B 383 -16.76 40.56 28.30
N ARG B 384 -16.66 41.11 27.09
CA ARG B 384 -17.62 40.87 26.04
C ARG B 384 -17.34 39.59 25.24
N GLY B 385 -16.15 39.01 25.36
CA GLY B 385 -15.84 37.84 24.56
C GLY B 385 -15.47 38.24 23.14
N PHE B 386 -15.49 37.27 22.23
CA PHE B 386 -15.16 37.54 20.84
C PHE B 386 -16.43 37.86 20.06
N LEU B 387 -16.42 38.98 19.34
CA LEU B 387 -17.48 39.30 18.38
C LEU B 387 -16.85 39.35 17.00
N SER B 388 -17.35 38.49 16.09
CA SER B 388 -16.86 38.50 14.71
C SER B 388 -17.13 39.83 14.00
N ASN B 389 -18.20 40.56 14.37
CA ASN B 389 -18.51 41.86 13.78
C ASN B 389 -18.52 42.89 14.90
N LEU B 390 -17.63 43.88 14.80
CA LEU B 390 -17.52 44.92 15.81
C LEU B 390 -18.09 46.27 15.38
N ASP B 391 -18.69 46.39 14.18
CA ASP B 391 -19.02 47.72 13.62
C ASP B 391 -19.94 48.51 14.53
N GLN B 392 -21.03 47.88 14.99
CA GLN B 392 -22.02 48.52 15.85
C GLN B 392 -21.45 48.92 17.21
N GLU B 393 -20.39 48.24 17.67
CA GLU B 393 -19.77 48.52 18.97
C GLU B 393 -18.93 49.82 18.97
N TYR B 394 -18.42 50.25 17.81
CA TYR B 394 -17.60 51.45 17.66
C TYR B 394 -18.38 52.76 17.62
N SER B 395 -19.68 52.72 17.33
CA SER B 395 -20.41 53.92 17.04
C SER B 395 -20.42 54.86 18.21
N ASP B 396 -20.52 54.31 19.43
CA ASP B 396 -20.67 55.12 20.61
C ASP B 396 -19.45 54.99 21.50
N ALA B 397 -18.32 54.61 20.89
CA ALA B 397 -17.06 54.45 21.60
C ALA B 397 -16.33 55.78 21.71
N TYR B 398 -15.98 56.16 22.95
CA TYR B 398 -15.34 57.45 23.24
C TYR B 398 -13.84 57.39 22.97
N LEU B 399 -13.18 56.29 23.38
CA LEU B 399 -11.77 56.07 23.06
C LEU B 399 -11.42 54.61 23.32
N SER B 400 -10.36 54.16 22.63
CA SER B 400 -9.74 52.84 22.71
C SER B 400 -8.54 52.90 23.65
N LEU B 401 -8.26 51.80 24.34
CA LEU B 401 -7.13 51.70 25.26
C LEU B 401 -6.20 50.59 24.81
N ILE B 402 -4.89 50.85 24.85
CA ILE B 402 -3.88 49.82 24.67
C ILE B 402 -2.91 49.90 25.85
N THR B 403 -2.88 48.86 26.71
CA THR B 403 -2.03 48.81 27.91
C THR B 403 -1.05 47.63 27.91
N SER B 404 -0.65 47.15 26.73
CA SER B 404 0.16 45.94 26.56
C SER B 404 1.64 46.21 26.86
N ASN B 405 2.38 45.16 27.25
CA ASN B 405 3.84 45.34 27.31
C ASN B 405 4.50 45.07 25.96
N MET B 406 3.79 44.54 24.98
CA MET B 406 4.31 44.26 23.64
C MET B 406 3.14 44.18 22.66
N GLU B 407 3.39 44.60 21.42
CA GLU B 407 2.37 44.65 20.40
C GLU B 407 2.94 44.22 19.06
N GLY B 408 2.00 44.01 18.13
CA GLY B 408 2.28 44.05 16.71
C GLY B 408 1.27 44.93 16.00
N PHE B 409 1.54 45.17 14.72
CA PHE B 409 0.61 45.97 13.94
C PHE B 409 -0.81 45.46 14.15
N SER B 410 -1.71 46.33 14.64
CA SER B 410 -3.04 45.93 15.08
C SER B 410 -4.06 46.29 14.01
N LEU B 411 -4.64 45.26 13.36
CA LEU B 411 -5.82 45.45 12.49
C LEU B 411 -6.98 46.05 13.26
N ALA B 412 -7.14 45.69 14.53
CA ALA B 412 -8.26 46.18 15.33
C ALA B 412 -8.17 47.70 15.57
N LEU B 413 -6.96 48.17 15.92
CA LEU B 413 -6.66 49.59 16.03
C LEU B 413 -6.96 50.33 14.73
N LEU B 414 -6.52 49.81 13.59
CA LEU B 414 -6.86 50.47 12.31
C LEU B 414 -8.37 50.57 12.14
N GLU B 415 -9.08 49.49 12.48
CA GLU B 415 -10.53 49.45 12.30
C GLU B 415 -11.21 50.49 13.17
N SER B 416 -10.77 50.62 14.43
CA SER B 416 -11.40 51.54 15.35
C SER B 416 -11.05 52.99 15.01
N LEU B 417 -9.82 53.25 14.55
CA LEU B 417 -9.45 54.57 14.01
C LEU B 417 -10.33 54.94 12.80
N ALA B 418 -10.56 53.98 11.89
CA ALA B 418 -11.45 54.22 10.74
C ALA B 418 -12.87 54.53 11.20
N HIS B 419 -13.25 54.09 12.39
CA HIS B 419 -14.52 54.48 13.00
C HIS B 419 -14.44 55.78 13.79
N GLY B 420 -13.35 56.55 13.69
CA GLY B 420 -13.24 57.81 14.38
C GLY B 420 -13.03 57.68 15.89
N VAL B 421 -12.60 56.53 16.37
CA VAL B 421 -12.40 56.28 17.81
C VAL B 421 -10.92 56.48 18.11
N PRO B 422 -10.57 57.53 18.86
CA PRO B 422 -9.16 57.81 19.17
C PRO B 422 -8.62 56.80 20.17
N VAL B 423 -7.30 56.81 20.38
CA VAL B 423 -6.69 55.72 21.16
C VAL B 423 -5.61 56.28 22.11
N ILE B 424 -5.60 55.78 23.32
CA ILE B 424 -4.53 56.02 24.28
C ILE B 424 -3.80 54.71 24.51
N SER B 425 -2.52 54.68 24.21
CA SER B 425 -1.69 53.49 24.21
C SER B 425 -0.34 53.73 24.85
N TYR B 426 0.17 52.71 25.55
CA TYR B 426 1.60 52.70 25.89
C TYR B 426 2.42 52.77 24.61
N ASP B 427 3.58 53.43 24.71
CA ASP B 427 4.58 53.46 23.65
C ASP B 427 5.46 52.23 23.81
N ILE B 428 5.08 51.14 23.11
CA ILE B 428 5.72 49.84 23.12
C ILE B 428 5.90 49.40 21.68
N LYS B 429 6.98 48.67 21.40
CA LYS B 429 7.13 48.07 20.09
C LYS B 429 6.17 46.86 20.00
N TYR B 430 5.65 46.55 18.80
CA TYR B 430 5.62 47.31 17.60
C TYR B 430 4.14 47.62 17.22
N GLY B 431 3.93 48.66 16.45
CA GLY B 431 2.56 48.93 16.09
C GLY B 431 2.01 50.27 16.55
N PRO B 432 1.95 50.56 17.85
CA PRO B 432 1.37 51.87 18.28
C PRO B 432 2.07 53.09 17.72
N ASN B 433 3.41 53.11 17.67
CA ASN B 433 4.08 54.24 17.08
C ASN B 433 3.71 54.45 15.61
N GLU B 434 3.43 53.37 14.90
CA GLU B 434 3.09 53.47 13.49
C GLU B 434 1.73 54.16 13.29
N LEU B 435 0.77 53.82 14.13
CA LEU B 435 -0.61 54.19 13.92
C LEU B 435 -1.10 55.27 14.88
N ILE B 436 -0.23 55.78 15.77
CA ILE B 436 -0.61 56.83 16.72
C ILE B 436 0.44 57.93 16.69
N THR B 437 -0.03 59.15 16.43
CA THR B 437 0.70 60.40 16.63
C THR B 437 0.08 61.14 17.81
N SER B 438 0.91 61.51 18.79
CA SER B 438 0.38 62.09 20.02
C SER B 438 -0.28 63.42 19.73
N ASP B 439 -1.42 63.68 20.40
CA ASP B 439 -2.22 64.87 20.24
C ASP B 439 -2.79 65.02 18.83
N PHE B 440 -2.77 63.95 18.03
CA PHE B 440 -3.40 63.96 16.71
C PHE B 440 -4.61 63.03 16.65
N ASN B 441 -4.41 61.73 16.87
CA ASN B 441 -5.45 60.71 16.87
C ASN B 441 -5.47 59.99 18.21
N GLY B 442 -4.83 60.56 19.21
CA GLY B 442 -4.70 59.92 20.50
C GLY B 442 -3.44 60.38 21.23
N TYR B 443 -2.93 59.52 22.11
CA TYR B 443 -1.75 59.86 22.91
C TYR B 443 -0.98 58.58 23.18
N LEU B 444 0.35 58.64 23.02
CA LEU B 444 1.27 57.59 23.45
C LEU B 444 1.73 57.94 24.86
N ILE B 445 1.73 56.92 25.72
CA ILE B 445 2.04 56.98 27.15
C ILE B 445 3.25 56.13 27.44
N THR B 446 4.07 56.56 28.35
CA THR B 446 5.24 55.81 28.75
C THR B 446 4.80 54.46 29.25
N LYS B 447 5.43 53.38 28.77
CA LYS B 447 5.00 52.00 29.09
C LYS B 447 4.84 51.82 30.60
N ASN B 448 3.67 51.33 31.05
CA ASN B 448 3.31 51.00 32.42
C ASN B 448 3.13 52.20 33.33
N ASP B 449 3.27 53.43 32.81
CA ASP B 449 2.97 54.63 33.59
C ASP B 449 1.45 54.77 33.70
N GLU B 450 0.88 54.12 34.72
CA GLU B 450 -0.58 54.08 34.93
C GLU B 450 -1.11 55.43 35.39
N ASP B 451 -0.26 56.22 36.06
CA ASP B 451 -0.68 57.55 36.53
C ASP B 451 -0.88 58.48 35.33
N ALA B 452 0.02 58.39 34.33
CA ALA B 452 -0.08 59.23 33.14
C ALA B 452 -1.21 58.75 32.23
N LEU B 453 -1.49 57.43 32.23
CA LEU B 453 -2.69 56.86 31.60
C LEU B 453 -3.96 57.45 32.19
N PHE B 454 -4.04 57.45 33.51
CA PHE B 454 -5.20 58.05 34.14
C PHE B 454 -5.31 59.53 33.75
N ASP B 455 -4.19 60.26 33.72
CA ASP B 455 -4.22 61.70 33.43
C ASP B 455 -4.72 61.96 32.00
N LYS B 456 -4.24 61.20 31.00
CA LYS B 456 -4.68 61.47 29.63
C LYS B 456 -6.10 60.99 29.38
N VAL B 457 -6.46 59.80 29.89
CA VAL B 457 -7.85 59.35 29.78
C VAL B 457 -8.78 60.36 30.42
N LYS B 458 -8.51 60.77 31.68
CA LYS B 458 -9.38 61.73 32.36
C LYS B 458 -9.44 63.04 31.61
N TYR B 459 -8.29 63.50 31.08
CA TYR B 459 -8.23 64.78 30.38
C TYR B 459 -9.14 64.73 29.17
N VAL B 460 -9.14 63.62 28.44
CA VAL B 460 -9.94 63.51 27.22
C VAL B 460 -11.43 63.42 27.54
N ILE B 461 -11.77 62.77 28.67
CA ILE B 461 -13.15 62.70 29.13
C ILE B 461 -13.64 64.07 29.59
N ASP B 462 -12.78 64.84 30.26
CA ASP B 462 -13.15 66.14 30.78
C ASP B 462 -13.33 67.18 29.69
N HIS B 463 -12.84 66.92 28.47
CA HIS B 463 -12.77 67.92 27.40
C HIS B 463 -13.24 67.26 26.12
N PRO B 464 -14.54 67.09 25.99
CA PRO B 464 -15.08 66.44 24.80
C PRO B 464 -14.73 67.13 23.48
N GLU B 465 -14.38 68.44 23.48
CA GLU B 465 -13.82 69.10 22.30
C GLU B 465 -12.46 68.49 21.91
N VAL B 466 -11.73 67.97 22.90
CA VAL B 466 -10.48 67.29 22.60
C VAL B 466 -10.77 65.94 21.94
N GLN B 467 -11.68 65.17 22.56
CA GLN B 467 -12.04 63.86 22.00
C GLN B 467 -12.49 64.01 20.56
N GLN B 468 -13.27 65.07 20.26
CA GLN B 468 -13.80 65.29 18.90
C GLN B 468 -12.67 65.55 17.93
N ARG B 469 -11.68 66.34 18.36
CA ARG B 469 -10.59 66.73 17.47
C ARG B 469 -9.69 65.55 17.22
N LEU B 470 -9.42 64.75 18.26
CA LEU B 470 -8.68 63.49 18.08
C LEU B 470 -9.46 62.48 17.25
N SER B 471 -10.79 62.41 17.43
CA SER B 471 -11.65 61.70 16.47
C SER B 471 -11.33 62.09 15.02
N LYS B 472 -11.22 63.39 14.73
CA LYS B 472 -11.00 63.81 13.34
C LYS B 472 -9.62 63.39 12.87
N GLY B 473 -8.66 63.39 13.80
CA GLY B 473 -7.32 62.86 13.53
C GLY B 473 -7.29 61.36 13.28
N SER B 474 -8.14 60.62 13.99
CA SER B 474 -8.26 59.19 13.79
C SER B 474 -8.73 58.87 12.37
N LEU B 475 -9.75 59.56 11.90
CA LEU B 475 -10.29 59.32 10.57
C LEU B 475 -9.20 59.55 9.55
N ALA B 476 -8.42 60.65 9.72
CA ALA B 476 -7.30 60.96 8.83
C ALA B 476 -6.19 59.89 8.90
N LYS B 477 -5.83 59.43 10.11
CA LYS B 477 -4.82 58.39 10.22
C LYS B 477 -5.28 57.12 9.47
N ALA B 478 -6.55 56.71 9.69
CA ALA B 478 -7.11 55.58 8.93
C ALA B 478 -7.06 55.85 7.42
N GLN B 479 -7.41 57.06 6.99
CA GLN B 479 -7.36 57.34 5.56
C GLN B 479 -5.97 57.04 5.00
N GLN B 480 -4.92 57.36 5.78
CA GLN B 480 -3.56 57.16 5.33
C GLN B 480 -3.26 55.69 5.03
N TYR B 481 -3.95 54.77 5.71
CA TYR B 481 -3.70 53.33 5.59
C TYR B 481 -4.78 52.66 4.79
N SER B 482 -5.24 53.33 3.73
CA SER B 482 -6.33 52.80 2.95
C SER B 482 -5.87 51.55 2.18
N LYS B 483 -6.89 50.82 1.69
CA LYS B 483 -6.71 49.70 0.77
C LYS B 483 -5.80 50.07 -0.39
N ALA B 484 -5.96 51.29 -0.93
CA ALA B 484 -5.28 51.66 -2.17
C ALA B 484 -3.84 52.06 -1.90
N SER B 485 -3.60 52.77 -0.79
CA SER B 485 -2.21 53.03 -0.45
C SER B 485 -1.47 51.70 -0.22
N LEU B 486 -2.17 50.68 0.27
CA LEU B 486 -1.50 49.39 0.57
C LEU B 486 -1.24 48.61 -0.72
N ILE B 487 -2.22 48.65 -1.63
CA ILE B 487 -2.06 48.12 -2.98
C ILE B 487 -0.81 48.68 -3.64
N LYS B 488 -0.68 49.99 -3.65
CA LYS B 488 0.43 50.60 -4.38
C LYS B 488 1.77 50.26 -3.77
N GLN B 489 1.79 49.98 -2.45
CA GLN B 489 3.01 49.56 -1.79
C GLN B 489 3.39 48.13 -2.17
N TRP B 490 2.44 47.21 -2.15
CA TRP B 490 2.71 45.86 -2.63
C TRP B 490 3.14 45.86 -4.09
N ASP B 491 2.38 46.59 -4.93
CA ASP B 491 2.69 46.69 -6.36
C ASP B 491 4.13 47.11 -6.57
N GLN B 492 4.57 48.17 -5.88
CA GLN B 492 5.92 48.70 -6.11
C GLN B 492 6.99 47.72 -5.68
N PHE B 493 6.80 47.11 -4.50
CA PHE B 493 7.73 46.12 -3.98
C PHE B 493 7.91 44.95 -4.95
N VAL B 494 6.81 44.32 -5.35
CA VAL B 494 6.87 43.16 -6.25
C VAL B 494 7.68 43.50 -7.50
N ARG B 495 7.34 44.62 -8.17
CA ARG B 495 8.03 45.01 -9.39
C ARG B 495 9.51 45.26 -9.15
N LEU B 496 9.86 45.85 -8.00
CA LEU B 496 11.25 46.19 -7.72
C LEU B 496 12.05 44.94 -7.40
N ILE B 497 11.49 44.07 -6.56
CA ILE B 497 12.14 42.81 -6.21
C ILE B 497 12.41 41.99 -7.47
N LEU B 498 11.43 41.88 -8.36
CA LEU B 498 11.60 41.09 -9.59
C LEU B 498 12.56 41.79 -10.54
N GLU B 499 12.41 43.11 -10.71
CA GLU B 499 13.34 43.87 -11.54
C GLU B 499 14.78 43.57 -11.16
N HIS B 500 15.11 43.65 -9.86
CA HIS B 500 16.47 43.45 -9.36
C HIS B 500 16.94 41.99 -9.41
N HIS B 501 16.02 41.05 -9.24
CA HIS B 501 16.37 39.64 -9.29
C HIS B 501 16.85 39.21 -10.66
N ASP C 1 21.31 -6.34 1.15
CA ASP C 1 20.63 -5.62 0.05
C ASP C 1 19.92 -6.59 -0.87
N SER C 2 20.56 -7.74 -1.13
CA SER C 2 20.00 -8.72 -2.07
C SER C 2 18.82 -9.45 -1.41
N ASP C 3 17.93 -9.98 -2.26
CA ASP C 3 16.82 -10.83 -1.79
C ASP C 3 16.01 -10.15 -0.66
#